data_1ONQ
#
_entry.id   1ONQ
#
_cell.length_a   55.407
_cell.length_b   42.711
_cell.length_c   204.217
_cell.angle_alpha   90.00
_cell.angle_beta   90.78
_cell.angle_gamma   90.00
#
_symmetry.space_group_name_H-M   'P 1 21 1'
#
loop_
_entity.id
_entity.type
_entity.pdbx_description
1 polymer 'T-cell surface glycoprotein CD1a'
2 polymer Beta-2-microglobulin
3 branched 2-acetamido-2-deoxy-beta-D-glucopyranose-(1-4)-2-acetamido-2-deoxy-beta-D-glucopyranose
4 branched alpha-L-fucopyranose-(1-6)-2-acetamido-2-deoxy-beta-D-glucopyranose
5 non-polymer alpha-L-fucopyranose
6 non-polymer SULFATE-3-D-GALACTOSYL-BETA-1-1-N-STEAROYL-D-SPHINGOSINE
7 non-polymer 2-acetamido-2-deoxy-beta-D-glucopyranose
8 water water
#
loop_
_entity_poly.entity_id
_entity_poly.type
_entity_poly.pdbx_seq_one_letter_code
_entity_poly.pdbx_strand_id
1 'polypeptide(L)'
;ADGLKEPLSFHVIWIASFYNHSWKQNLVSGWLSDLQTHTWDSNSSTIVFLWPWSRGNFSNEEWKELETLFRIRTIRSFEG
IRRYAHELQFEYPFEIQVTGGCELHSGKVSGSFLQLAYQGSDFVSFQNNSWLPYPVAGNMAKHFCKVLNQNQHENDITHN
LLSDTCPRFILGLLDAGKAHLQRQVKPEAWLSHGPSPGPGHLQLVCHVSGFYPKPVWVMWMRGEQEQQGTQRGDILPSAD
GTWYLRATLEVAAGEAADLSCRVKHSSLEGQDIVLYWHHHHHH
;
A,C
2 'polypeptide(L)'
;IQRTPKIQVYSRHPAENGKSNFLNCYVSGFHPSDIEVDLLKNGERIEKVEHSDLSFSKDWSFYLLYYTEFTPTEKDEYAC
RVNHVTLSQPKIVKWDRDM
;
B,D
#
# COMPACT_ATOMS: atom_id res chain seq x y z
N PRO A 7 -8.68 8.00 36.02
CA PRO A 7 -9.16 7.02 35.00
C PRO A 7 -8.15 6.78 33.86
N LEU A 8 -6.99 6.21 34.21
CA LEU A 8 -5.90 5.94 33.24
C LEU A 8 -6.25 4.76 32.33
N SER A 9 -6.29 5.00 31.03
CA SER A 9 -6.50 3.91 30.10
C SER A 9 -5.53 3.90 28.90
N PHE A 10 -5.35 2.72 28.31
CA PHE A 10 -4.68 2.58 27.04
C PHE A 10 -5.63 1.91 26.03
N HIS A 11 -5.70 2.47 24.83
CA HIS A 11 -6.51 1.86 23.78
C HIS A 11 -5.94 2.06 22.38
N VAL A 12 -6.22 1.06 21.56
CA VAL A 12 -5.87 1.05 20.16
C VAL A 12 -7.16 1.41 19.44
N ILE A 13 -7.09 2.36 18.53
CA ILE A 13 -8.23 2.68 17.71
C ILE A 13 -8.05 2.25 16.27
N TRP A 14 -9.20 1.99 15.64
CA TRP A 14 -9.30 1.71 14.23
C TRP A 14 -10.31 2.68 13.65
N ILE A 15 -9.93 3.37 12.59
CA ILE A 15 -10.85 4.18 11.84
C ILE A 15 -10.76 3.68 10.42
N ALA A 16 -11.88 3.11 9.96
CA ALA A 16 -12.02 2.60 8.63
C ALA A 16 -13.15 3.35 7.92
N SER A 17 -12.81 4.05 6.85
CA SER A 17 -13.78 4.79 6.10
C SER A 17 -13.98 4.12 4.76
N PHE A 18 -15.24 3.95 4.38
CA PHE A 18 -15.60 3.33 3.13
C PHE A 18 -16.45 4.33 2.38
N TYR A 19 -15.82 5.04 1.46
CA TYR A 19 -16.49 6.10 0.72
C TYR A 19 -17.18 5.62 -0.55
N ASN A 20 -16.45 4.90 -1.40
CA ASN A 20 -16.97 4.49 -2.73
C ASN A 20 -16.85 3.01 -3.02
N HIS A 21 -17.16 2.64 -4.27
CA HIS A 21 -16.91 1.29 -4.79
C HIS A 21 -15.46 0.95 -4.47
N SER A 22 -14.54 1.73 -5.04
CA SER A 22 -13.11 1.48 -4.94
C SER A 22 -12.36 2.64 -4.27
N TRP A 23 -12.82 3.03 -3.09
CA TRP A 23 -12.13 4.05 -2.32
C TRP A 23 -12.31 3.83 -0.80
N LYS A 24 -11.20 3.87 -0.06
CA LYS A 24 -11.24 3.56 1.37
C LYS A 24 -9.92 3.77 2.08
N GLN A 25 -10.02 4.03 3.37
CA GLN A 25 -8.90 4.40 4.22
C GLN A 25 -8.99 3.65 5.55
N ASN A 26 -7.83 3.30 6.10
CA ASN A 26 -7.73 2.49 7.32
C ASN A 26 -6.57 3.04 8.13
N LEU A 27 -6.86 3.51 9.35
CA LEU A 27 -5.89 4.09 10.27
C LEU A 27 -5.93 3.30 11.60
N VAL A 28 -4.77 2.95 12.13
CA VAL A 28 -4.71 2.30 13.44
C VAL A 28 -3.70 3.06 14.29
N SER A 29 -4.05 3.38 15.53
CA SER A 29 -3.13 4.05 16.43
C SER A 29 -3.30 3.62 17.90
N GLY A 30 -2.29 3.84 18.73
CA GLY A 30 -2.32 3.55 20.15
C GLY A 30 -2.30 4.86 20.93
N TRP A 31 -3.01 4.90 22.05
CA TRP A 31 -3.24 6.15 22.78
C TRP A 31 -3.27 5.89 24.28
N LEU A 32 -2.54 6.71 25.03
CA LEU A 32 -2.56 6.69 26.47
C LEU A 32 -3.42 7.90 26.80
N SER A 33 -4.71 7.66 26.96
CA SER A 33 -5.69 8.69 27.11
C SER A 33 -5.56 9.66 25.92
N ASP A 34 -5.26 10.93 26.20
CA ASP A 34 -5.16 11.97 25.17
C ASP A 34 -3.85 11.90 24.36
N LEU A 35 -2.85 11.21 24.88
CA LEU A 35 -1.50 11.18 24.31
C LEU A 35 -1.26 10.02 23.32
N GLN A 36 -0.92 10.31 22.06
CA GLN A 36 -0.66 9.24 21.10
C GLN A 36 0.70 8.64 21.42
N THR A 37 0.78 7.32 21.48
CA THR A 37 2.03 6.63 21.74
C THR A 37 2.49 5.69 20.63
N HIS A 38 1.58 5.39 19.69
CA HIS A 38 1.84 4.45 18.58
C HIS A 38 1.05 4.75 17.32
N THR A 39 1.62 4.41 16.15
CA THR A 39 0.86 4.31 14.88
C THR A 39 1.21 3.02 14.16
N TRP A 40 0.26 2.55 13.36
CA TRP A 40 0.47 1.41 12.49
C TRP A 40 0.85 1.96 11.15
N ASP A 41 1.96 1.46 10.62
CA ASP A 41 2.48 1.86 9.31
C ASP A 41 2.28 0.71 8.34
N SER A 42 1.21 0.82 7.54
CA SER A 42 0.80 -0.22 6.60
C SER A 42 1.77 -0.37 5.44
N ASN A 43 2.45 0.71 5.08
CA ASN A 43 3.43 0.65 4.02
C ASN A 43 4.53 -0.32 4.39
N SER A 44 5.14 -0.11 5.56
CA SER A 44 6.22 -0.96 6.01
C SER A 44 5.71 -2.16 6.82
N SER A 45 4.40 -2.19 7.11
CA SER A 45 3.79 -3.22 7.93
C SER A 45 4.42 -3.35 9.33
N THR A 46 4.61 -2.21 9.99
CA THR A 46 5.23 -2.17 11.32
C THR A 46 4.53 -1.20 12.28
N ILE A 47 4.78 -1.42 13.56
CA ILE A 47 4.35 -0.53 14.63
C ILE A 47 5.42 0.54 14.81
N VAL A 48 4.99 1.80 14.77
CA VAL A 48 5.84 2.96 14.96
C VAL A 48 5.72 3.44 16.41
N PHE A 49 6.86 3.47 17.09
CA PHE A 49 6.94 3.92 18.47
C PHE A 49 7.20 5.39 18.43
N LEU A 50 6.27 6.16 18.98
CA LEU A 50 6.36 7.62 18.91
C LEU A 50 7.27 8.24 19.98
N TRP A 51 7.47 7.51 21.07
CA TRP A 51 8.37 7.88 22.17
C TRP A 51 9.32 6.68 22.40
N PRO A 52 10.54 6.93 22.88
CA PRO A 52 11.48 5.85 23.21
C PRO A 52 10.92 4.85 24.22
N TRP A 53 9.99 5.29 25.04
CA TRP A 53 9.40 4.44 26.08
C TRP A 53 8.11 3.77 25.63
N SER A 54 7.62 4.09 24.42
CA SER A 54 6.44 3.43 23.83
C SER A 54 6.54 1.90 23.78
N ARG A 55 7.75 1.38 23.73
CA ARG A 55 7.98 -0.05 23.78
C ARG A 55 7.56 -0.70 25.10
N GLY A 56 7.31 0.09 26.14
CA GLY A 56 6.97 -0.48 27.45
C GLY A 56 8.07 -1.37 27.99
N ASN A 57 7.71 -2.50 28.64
CA ASN A 57 8.65 -3.53 29.04
C ASN A 57 8.54 -4.79 28.15
N PHE A 58 8.03 -4.62 26.92
CA PHE A 58 7.92 -5.73 25.96
C PHE A 58 9.20 -5.90 25.14
N SER A 59 9.69 -7.14 25.04
CA SER A 59 10.82 -7.49 24.18
C SER A 59 10.61 -7.19 22.69
N ASN A 60 11.70 -7.24 21.94
CA ASN A 60 11.68 -7.08 20.49
C ASN A 60 10.83 -8.20 19.89
N GLU A 61 10.99 -9.40 20.45
CA GLU A 61 10.28 -10.58 19.99
C GLU A 61 8.78 -10.50 20.19
N GLU A 62 8.33 -9.95 21.31
CA GLU A 62 6.89 -9.80 21.54
C GLU A 62 6.32 -8.74 20.62
N TRP A 63 7.12 -7.73 20.30
CA TRP A 63 6.69 -6.69 19.37
C TRP A 63 6.55 -7.23 17.93
N LYS A 64 7.48 -8.09 17.51
CA LYS A 64 7.40 -8.74 16.20
C LYS A 64 6.12 -9.55 16.07
N GLU A 65 5.78 -10.27 17.13
CA GLU A 65 4.60 -11.13 17.14
C GLU A 65 3.34 -10.32 17.07
N LEU A 66 3.35 -9.22 17.80
CA LEU A 66 2.26 -8.29 17.80
C LEU A 66 2.15 -7.60 16.42
N GLU A 67 3.29 -7.36 15.76
CA GLU A 67 3.29 -6.76 14.41
C GLU A 67 2.66 -7.72 13.41
N THR A 68 2.88 -9.00 13.60
CA THR A 68 2.33 -10.01 12.72
C THR A 68 0.82 -10.04 12.90
N LEU A 69 0.41 -10.05 14.15
CA LEU A 69 -1.01 -10.07 14.49
C LEU A 69 -1.73 -8.89 13.85
N PHE A 70 -1.15 -7.71 13.96
CA PHE A 70 -1.78 -6.52 13.38
C PHE A 70 -1.66 -6.59 11.85
N ARG A 71 -0.57 -7.12 11.33
CA ARG A 71 -0.42 -7.26 9.89
C ARG A 71 -1.62 -8.05 9.32
N ILE A 72 -1.91 -9.19 9.93
CA ILE A 72 -2.93 -10.08 9.40
C ILE A 72 -4.33 -9.57 9.71
N ARG A 73 -4.55 -9.09 10.93
CA ARG A 73 -5.88 -8.66 11.34
C ARG A 73 -6.37 -7.38 10.68
N THR A 74 -5.47 -6.44 10.40
CA THR A 74 -5.88 -5.18 9.82
C THR A 74 -6.43 -5.44 8.42
N ILE A 75 -5.69 -6.21 7.62
CA ILE A 75 -6.11 -6.51 6.25
C ILE A 75 -7.36 -7.39 6.21
N ARG A 76 -7.43 -8.44 7.03
CA ARG A 76 -8.61 -9.30 7.06
C ARG A 76 -9.88 -8.56 7.53
N SER A 77 -9.74 -7.61 8.45
CA SER A 77 -10.90 -6.86 8.94
C SER A 77 -11.38 -5.85 7.89
N PHE A 78 -10.45 -5.10 7.32
CA PHE A 78 -10.75 -4.15 6.26
C PHE A 78 -11.50 -4.91 5.14
N GLU A 79 -10.82 -5.89 4.53
CA GLU A 79 -11.38 -6.73 3.46
C GLU A 79 -12.71 -7.38 3.87
N GLY A 80 -12.81 -7.85 5.10
CA GLY A 80 -14.01 -8.53 5.58
C GLY A 80 -15.24 -7.66 5.59
N ILE A 81 -15.08 -6.41 6.02
CA ILE A 81 -16.21 -5.49 6.12
C ILE A 81 -16.68 -5.06 4.73
N ARG A 82 -15.74 -4.84 3.83
CA ARG A 82 -16.08 -4.49 2.47
C ARG A 82 -16.90 -5.61 1.80
N ARG A 83 -16.56 -6.88 2.07
CA ARG A 83 -17.27 -8.01 1.46
C ARG A 83 -18.63 -8.31 2.11
N TYR A 84 -18.72 -8.17 3.43
CA TYR A 84 -19.99 -8.34 4.15
C TYR A 84 -20.96 -7.11 4.07
N ALA A 85 -20.48 -5.99 3.53
CA ALA A 85 -21.26 -4.74 3.52
C ALA A 85 -22.64 -4.92 2.88
N HIS A 86 -22.70 -5.64 1.77
CA HIS A 86 -23.98 -5.83 1.07
C HIS A 86 -25.05 -6.52 1.95
N GLU A 87 -24.72 -7.66 2.53
CA GLU A 87 -25.71 -8.36 3.35
C GLU A 87 -26.01 -7.65 4.66
N LEU A 88 -25.02 -6.94 5.20
CA LEU A 88 -25.20 -6.20 6.43
C LEU A 88 -25.92 -4.88 6.23
N GLN A 89 -26.17 -4.56 4.96
CA GLN A 89 -26.80 -3.30 4.57
C GLN A 89 -25.99 -2.05 4.99
N PHE A 90 -24.67 -2.14 5.00
CA PHE A 90 -23.80 -0.99 5.18
C PHE A 90 -23.80 -0.24 3.85
N GLU A 91 -24.28 1.01 3.85
CA GLU A 91 -24.40 1.80 2.61
C GLU A 91 -23.30 2.84 2.49
N TYR A 92 -22.77 2.97 1.27
CA TYR A 92 -21.71 3.92 0.98
C TYR A 92 -22.30 5.33 0.93
N PRO A 93 -21.66 6.32 1.56
CA PRO A 93 -20.43 6.15 2.36
C PRO A 93 -20.69 5.75 3.80
N PHE A 94 -19.84 4.92 4.39
CA PHE A 94 -19.97 4.58 5.81
C PHE A 94 -18.64 4.50 6.56
N GLU A 95 -18.72 4.46 7.87
CA GLU A 95 -17.52 4.50 8.67
C GLU A 95 -17.63 3.53 9.79
N ILE A 96 -16.53 2.84 10.06
CA ILE A 96 -16.46 1.93 11.19
C ILE A 96 -15.36 2.42 12.10
N GLN A 97 -15.61 2.36 13.41
CA GLN A 97 -14.64 2.72 14.44
C GLN A 97 -14.58 1.63 15.48
N VAL A 98 -13.38 1.37 15.99
CA VAL A 98 -13.17 0.39 17.04
C VAL A 98 -12.23 1.00 18.03
N THR A 99 -12.47 0.71 19.31
CA THR A 99 -11.53 1.05 20.32
C THR A 99 -11.47 -0.15 21.22
N GLY A 100 -10.26 -0.55 21.57
CA GLY A 100 -10.07 -1.67 22.46
C GLY A 100 -8.90 -1.41 23.37
N GLY A 101 -8.96 -1.90 24.58
CA GLY A 101 -7.93 -1.58 25.53
C GLY A 101 -8.33 -1.95 26.93
N CYS A 102 -7.68 -1.36 27.93
CA CYS A 102 -7.98 -1.61 29.34
C CYS A 102 -7.86 -0.33 30.17
N GLU A 103 -8.34 -0.41 31.42
CA GLU A 103 -8.41 0.71 32.37
C GLU A 103 -7.74 0.37 33.69
N LEU A 104 -7.38 1.44 34.41
CA LEU A 104 -6.75 1.39 35.72
C LEU A 104 -7.53 2.24 36.73
N HIS A 105 -7.87 1.65 37.87
CA HIS A 105 -8.47 2.39 38.96
C HIS A 105 -7.59 2.16 40.18
N SER A 106 -7.00 3.24 40.73
CA SER A 106 -6.15 3.16 41.91
C SER A 106 -4.96 2.22 41.76
N GLY A 107 -4.32 2.26 40.60
CA GLY A 107 -3.13 1.46 40.31
C GLY A 107 -3.35 -0.03 40.10
N LYS A 108 -4.55 -0.39 39.68
CA LYS A 108 -4.92 -1.78 39.44
C LYS A 108 -5.79 -1.82 38.20
N VAL A 109 -5.48 -2.74 37.28
CA VAL A 109 -6.29 -2.86 36.06
C VAL A 109 -7.72 -3.24 36.44
N SER A 110 -8.68 -2.36 36.11
CA SER A 110 -10.07 -2.53 36.52
C SER A 110 -10.95 -3.21 35.49
N GLY A 111 -10.55 -3.12 34.22
CA GLY A 111 -11.38 -3.66 33.17
C GLY A 111 -10.72 -3.59 31.81
N SER A 112 -11.23 -4.40 30.89
CA SER A 112 -10.82 -4.37 29.51
C SER A 112 -12.10 -4.19 28.72
N PHE A 113 -11.97 -3.62 27.53
CA PHE A 113 -13.11 -3.36 26.68
C PHE A 113 -12.73 -3.52 25.22
N LEU A 114 -13.77 -3.68 24.40
CA LEU A 114 -13.63 -3.72 22.96
C LEU A 114 -15.01 -3.44 22.35
N GLN A 115 -15.13 -2.31 21.67
CA GLN A 115 -16.41 -1.84 21.14
C GLN A 115 -16.23 -1.33 19.73
N LEU A 116 -17.27 -1.52 18.92
CA LEU A 116 -17.29 -1.10 17.56
C LEU A 116 -18.51 -0.23 17.25
N ALA A 117 -18.28 0.82 16.44
CA ALA A 117 -19.33 1.72 16.02
C ALA A 117 -19.49 1.66 14.50
N TYR A 118 -20.73 1.80 14.07
CA TYR A 118 -21.09 1.99 12.66
C TYR A 118 -21.77 3.34 12.59
N GLN A 119 -21.35 4.17 11.64
CA GLN A 119 -21.93 5.50 11.42
C GLN A 119 -22.00 6.36 12.69
N GLY A 120 -20.97 6.27 13.55
CA GLY A 120 -20.92 7.06 14.77
C GLY A 120 -21.72 6.57 15.96
N SER A 121 -22.36 5.41 15.86
CA SER A 121 -23.20 4.88 16.91
C SER A 121 -22.79 3.47 17.31
N ASP A 122 -22.98 3.15 18.58
CA ASP A 122 -22.63 1.84 19.12
C ASP A 122 -23.28 0.80 18.21
N PHE A 123 -22.55 -0.28 17.91
CA PHE A 123 -23.05 -1.30 17.01
C PHE A 123 -22.88 -2.67 17.63
N VAL A 124 -21.65 -3.05 17.96
CA VAL A 124 -21.40 -4.30 18.64
C VAL A 124 -20.27 -4.11 19.62
N SER A 125 -20.16 -5.01 20.58
CA SER A 125 -19.08 -5.02 21.55
C SER A 125 -18.67 -6.46 21.84
N PHE A 126 -17.48 -6.63 22.38
CA PHE A 126 -16.95 -7.94 22.69
C PHE A 126 -16.84 -8.04 24.19
N GLN A 127 -17.55 -8.99 24.77
CA GLN A 127 -17.65 -9.14 26.21
C GLN A 127 -17.81 -10.59 26.57
N ASN A 128 -17.06 -11.04 27.55
CA ASN A 128 -17.17 -12.40 28.04
C ASN A 128 -16.92 -13.44 26.94
N ASN A 129 -15.92 -13.16 26.10
CA ASN A 129 -15.47 -14.06 25.04
C ASN A 129 -16.44 -14.24 23.84
N SER A 130 -17.36 -13.29 23.63
CA SER A 130 -18.18 -13.25 22.41
C SER A 130 -18.69 -11.84 22.05
N TRP A 131 -19.06 -11.66 20.79
CA TRP A 131 -19.56 -10.39 20.30
C TRP A 131 -21.04 -10.32 20.58
N LEU A 132 -21.49 -9.15 21.04
CA LEU A 132 -22.85 -8.88 21.50
C LEU A 132 -23.39 -7.66 20.77
N PRO A 133 -24.63 -7.71 20.28
CA PRO A 133 -25.18 -6.58 19.56
C PRO A 133 -25.73 -5.50 20.51
N TYR A 134 -25.63 -4.25 20.08
CA TYR A 134 -26.20 -3.12 20.82
C TYR A 134 -27.69 -3.15 20.45
N PRO A 135 -28.57 -3.31 21.44
CA PRO A 135 -30.03 -3.39 21.17
C PRO A 135 -30.62 -2.42 20.14
N VAL A 136 -30.37 -1.11 20.21
CA VAL A 136 -30.98 -0.19 19.23
C VAL A 136 -30.40 -0.22 17.82
N ALA A 137 -29.28 -0.91 17.63
CA ALA A 137 -28.68 -1.04 16.30
C ALA A 137 -29.47 -1.99 15.38
N GLY A 138 -30.38 -2.77 15.96
CA GLY A 138 -31.28 -3.60 15.17
C GLY A 138 -30.73 -4.91 14.63
N ASN A 139 -31.37 -5.39 13.57
CA ASN A 139 -31.07 -6.73 13.08
C ASN A 139 -29.70 -6.93 12.45
N MET A 140 -29.20 -5.87 11.82
CA MET A 140 -27.90 -5.90 11.17
C MET A 140 -26.76 -6.11 12.19
N ALA A 141 -26.93 -5.60 13.41
CA ALA A 141 -25.96 -5.83 14.47
C ALA A 141 -26.01 -7.28 14.95
N LYS A 142 -27.19 -7.89 15.06
CA LYS A 142 -27.27 -9.33 15.39
C LYS A 142 -26.66 -10.23 14.31
N HIS A 143 -26.77 -9.78 13.07
CA HIS A 143 -26.28 -10.54 11.95
C HIS A 143 -24.74 -10.45 11.95
N PHE A 144 -24.23 -9.26 12.22
CA PHE A 144 -22.79 -8.98 12.30
C PHE A 144 -22.17 -9.86 13.39
N CYS A 145 -22.78 -9.92 14.57
CA CYS A 145 -22.27 -10.79 15.64
C CYS A 145 -22.38 -12.27 15.28
N LYS A 146 -23.39 -12.65 14.50
CA LYS A 146 -23.54 -14.06 14.12
C LYS A 146 -22.30 -14.45 13.34
N VAL A 147 -21.91 -13.58 12.41
CA VAL A 147 -20.70 -13.75 11.61
C VAL A 147 -19.39 -13.69 12.43
N LEU A 148 -19.31 -12.80 13.43
CA LEU A 148 -18.08 -12.65 14.23
C LEU A 148 -17.87 -13.78 15.23
N ASN A 149 -18.96 -14.38 15.69
CA ASN A 149 -18.92 -15.43 16.71
C ASN A 149 -18.74 -16.82 16.11
N GLN A 150 -18.58 -16.90 14.78
CA GLN A 150 -18.42 -18.15 14.09
C GLN A 150 -17.00 -18.72 14.19
N ASN A 151 -16.08 -18.00 14.84
CA ASN A 151 -14.67 -18.43 14.94
C ASN A 151 -14.16 -18.36 16.39
N GLN A 152 -14.37 -19.42 17.18
CA GLN A 152 -13.92 -19.40 18.60
C GLN A 152 -12.40 -19.21 18.77
N HIS A 153 -11.64 -19.81 17.87
CA HIS A 153 -10.18 -19.66 17.81
C HIS A 153 -9.78 -18.18 17.81
N GLU A 154 -10.38 -17.43 16.90
CA GLU A 154 -10.04 -16.03 16.73
C GLU A 154 -10.58 -15.17 17.89
N ASN A 155 -11.71 -15.57 18.49
CA ASN A 155 -12.22 -14.89 19.66
C ASN A 155 -11.37 -15.18 20.93
N ASP A 156 -10.70 -16.34 20.96
CA ASP A 156 -9.81 -16.64 22.10
C ASP A 156 -8.55 -15.80 22.01
N ILE A 157 -8.06 -15.55 20.80
CA ILE A 157 -6.90 -14.68 20.62
C ILE A 157 -7.25 -13.26 21.06
N THR A 158 -8.41 -12.80 20.64
CA THR A 158 -8.90 -11.48 21.01
C THR A 158 -9.02 -11.35 22.51
N HIS A 159 -9.60 -12.36 23.16
CA HIS A 159 -9.75 -12.35 24.60
C HIS A 159 -8.41 -12.34 25.33
N ASN A 160 -7.41 -13.11 24.85
CA ASN A 160 -6.09 -13.13 25.47
C ASN A 160 -5.42 -11.79 25.40
N LEU A 161 -5.66 -11.05 24.32
CA LEU A 161 -5.05 -9.75 24.16
C LEU A 161 -5.71 -8.70 25.04
N LEU A 162 -7.00 -8.84 25.30
CA LEU A 162 -7.71 -7.86 26.15
C LEU A 162 -7.43 -8.13 27.62
N SER A 163 -7.40 -9.39 28.01
CA SER A 163 -7.28 -9.74 29.43
C SER A 163 -5.90 -10.21 29.91
N ASP A 164 -4.95 -10.37 29.01
CA ASP A 164 -3.56 -10.72 29.41
C ASP A 164 -2.51 -9.78 28.83
N THR A 165 -2.58 -9.47 27.53
CA THR A 165 -1.57 -8.64 26.90
C THR A 165 -1.73 -7.18 27.34
N CYS A 166 -2.95 -6.70 27.32
CA CYS A 166 -3.18 -5.28 27.58
C CYS A 166 -2.87 -4.88 29.04
N PRO A 167 -3.37 -5.59 30.04
CA PRO A 167 -2.99 -5.32 31.42
C PRO A 167 -1.49 -5.22 31.62
N ARG A 168 -0.76 -6.17 31.05
CA ARG A 168 0.70 -6.23 31.20
C ARG A 168 1.34 -5.03 30.56
N PHE A 169 0.78 -4.63 29.43
CA PHE A 169 1.38 -3.64 28.61
C PHE A 169 1.24 -2.25 29.26
N ILE A 170 0.03 -1.90 29.68
CA ILE A 170 -0.21 -0.58 30.24
C ILE A 170 0.64 -0.33 31.49
N LEU A 171 0.76 -1.32 32.36
CA LEU A 171 1.60 -1.17 33.55
C LEU A 171 3.04 -0.91 33.13
N GLY A 172 3.54 -1.68 32.14
CA GLY A 172 4.87 -1.45 31.63
C GLY A 172 5.06 -0.11 30.93
N LEU A 173 4.01 0.37 30.25
CA LEU A 173 4.06 1.63 29.53
C LEU A 173 4.11 2.83 30.49
N LEU A 174 3.31 2.81 31.57
CA LEU A 174 3.29 3.92 32.51
C LEU A 174 4.58 3.97 33.30
N ASP A 175 5.19 2.80 33.53
CA ASP A 175 6.45 2.75 34.25
C ASP A 175 7.55 3.35 33.37
N ALA A 176 7.76 2.76 32.19
CA ALA A 176 8.74 3.27 31.23
C ALA A 176 8.58 4.77 30.84
N GLY A 177 7.36 5.28 30.82
CA GLY A 177 7.10 6.66 30.42
C GLY A 177 7.01 7.66 31.58
N LYS A 178 7.31 7.16 32.78
CA LYS A 178 7.17 7.87 34.05
C LYS A 178 7.72 9.30 34.14
N ALA A 179 8.81 9.62 33.45
CA ALA A 179 9.42 10.94 33.54
C ALA A 179 8.67 11.94 32.69
N HIS A 180 8.19 11.45 31.58
CA HIS A 180 7.33 12.27 30.73
C HIS A 180 5.98 12.51 31.40
N LEU A 181 5.31 11.43 31.84
CA LEU A 181 3.94 11.55 32.39
C LEU A 181 3.83 12.19 33.80
N GLN A 182 4.89 12.13 34.61
CA GLN A 182 4.93 12.73 35.95
C GLN A 182 5.55 14.13 35.94
N ARG A 183 5.86 14.68 34.76
CA ARG A 183 6.45 16.01 34.66
C ARG A 183 5.43 17.08 35.01
N GLN A 184 5.95 18.22 35.46
CA GLN A 184 5.17 19.39 35.82
C GLN A 184 5.66 20.55 34.94
N VAL A 185 4.74 21.19 34.21
CA VAL A 185 5.06 22.36 33.40
C VAL A 185 4.13 23.53 33.84
N LYS A 186 4.74 24.65 34.22
CA LYS A 186 4.03 25.79 34.75
C LYS A 186 3.33 26.54 33.64
N PRO A 187 2.11 26.99 33.89
CA PRO A 187 1.38 27.77 32.90
C PRO A 187 1.79 29.23 32.95
N GLU A 188 1.43 29.97 31.92
CA GLU A 188 1.52 31.41 31.95
C GLU A 188 0.07 31.84 31.82
N ALA A 189 -0.24 33.05 32.19
CA ALA A 189 -1.59 33.51 32.05
C ALA A 189 -1.62 34.95 31.60
N TRP A 190 -2.72 35.33 31.00
CA TRP A 190 -2.97 36.71 30.60
C TRP A 190 -4.43 37.06 30.54
N LEU A 191 -4.71 38.36 30.56
CA LEU A 191 -6.07 38.85 30.56
C LEU A 191 -6.41 39.57 29.27
N SER A 192 -7.63 39.39 28.80
CA SER A 192 -8.12 40.18 27.67
C SER A 192 -9.63 40.42 27.82
N HIS A 193 -10.18 41.17 26.87
CA HIS A 193 -11.61 41.34 26.79
C HIS A 193 -12.20 40.13 26.05
N GLY A 194 -13.49 39.87 26.26
CA GLY A 194 -14.25 38.90 25.49
C GLY A 194 -15.36 39.65 24.79
N PRO A 195 -16.23 38.97 24.05
CA PRO A 195 -17.33 39.68 23.36
C PRO A 195 -18.30 40.30 24.38
N SER A 196 -18.73 41.52 24.12
CA SER A 196 -19.59 42.23 25.06
C SER A 196 -20.97 41.61 25.14
N PRO A 197 -21.41 41.29 26.35
CA PRO A 197 -22.77 40.76 26.57
C PRO A 197 -23.92 41.71 26.21
N GLY A 198 -23.64 42.99 26.02
CA GLY A 198 -24.66 43.98 25.66
C GLY A 198 -24.41 45.33 26.31
N PRO A 199 -25.20 46.33 25.97
CA PRO A 199 -25.00 47.69 26.50
C PRO A 199 -24.65 47.74 28.00
N GLY A 200 -23.56 48.42 28.34
CA GLY A 200 -23.16 48.62 29.74
C GLY A 200 -22.51 47.43 30.44
N HIS A 201 -22.08 46.44 29.68
CA HIS A 201 -21.47 45.28 30.25
C HIS A 201 -20.25 44.86 29.48
N LEU A 202 -19.36 44.15 30.16
CA LEU A 202 -18.14 43.65 29.57
C LEU A 202 -18.02 42.16 29.81
N GLN A 203 -17.20 41.50 29.00
CA GLN A 203 -16.77 40.16 29.32
C GLN A 203 -15.25 40.20 29.49
N LEU A 204 -14.80 39.76 30.66
CA LEU A 204 -13.41 39.66 31.02
C LEU A 204 -12.95 38.22 30.81
N VAL A 205 -11.75 38.03 30.27
CA VAL A 205 -11.24 36.70 29.93
C VAL A 205 -9.83 36.51 30.50
N CYS A 206 -9.65 35.45 31.25
CA CYS A 206 -8.36 35.02 31.76
C CYS A 206 -7.94 33.79 30.95
N HIS A 207 -6.84 33.90 30.23
CA HIS A 207 -6.27 32.80 29.48
C HIS A 207 -5.18 32.11 30.33
N VAL A 208 -5.21 30.79 30.36
CA VAL A 208 -4.20 29.97 31.09
C VAL A 208 -3.64 28.98 30.08
N SER A 209 -2.36 29.09 29.77
CA SER A 209 -1.74 28.38 28.65
C SER A 209 -0.46 27.69 29.05
N GLY A 210 -0.20 26.53 28.48
CA GLY A 210 1.05 25.84 28.71
C GLY A 210 1.19 25.04 30.01
N PHE A 211 0.10 24.55 30.56
CA PHE A 211 0.19 23.73 31.75
C PHE A 211 0.10 22.24 31.46
N TYR A 212 0.79 21.47 32.31
CA TYR A 212 0.73 20.04 32.32
C TYR A 212 1.09 19.60 33.74
N PRO A 213 0.38 18.67 34.38
CA PRO A 213 -0.77 17.94 33.83
C PRO A 213 -2.08 18.72 33.76
N LYS A 214 -3.14 18.02 33.38
CA LYS A 214 -4.43 18.60 33.06
C LYS A 214 -5.22 19.27 34.18
N PRO A 215 -5.27 18.70 35.38
CA PRO A 215 -5.96 19.35 36.50
C PRO A 215 -5.51 20.78 36.77
N VAL A 216 -6.45 21.72 36.78
CA VAL A 216 -6.14 23.14 37.02
C VAL A 216 -7.32 23.81 37.72
N TRP A 217 -7.07 24.94 38.37
CA TRP A 217 -8.12 25.71 39.05
C TRP A 217 -7.92 27.16 38.65
N VAL A 218 -8.99 27.76 38.13
CA VAL A 218 -8.97 29.15 37.72
C VAL A 218 -10.30 29.87 38.09
N MET A 219 -10.21 31.00 38.78
CA MET A 219 -11.35 31.78 39.24
C MET A 219 -11.15 33.27 39.13
N TRP A 220 -12.21 33.98 38.74
CA TRP A 220 -12.23 35.42 38.88
C TRP A 220 -12.57 35.72 40.33
N MET A 221 -11.88 36.73 40.88
CA MET A 221 -11.97 37.07 42.29
C MET A 221 -12.12 38.56 42.52
N ARG A 222 -12.79 38.88 43.62
CA ARG A 222 -12.79 40.22 44.19
C ARG A 222 -12.17 40.02 45.58
N GLY A 223 -10.85 40.20 45.68
CA GLY A 223 -10.09 39.92 46.87
C GLY A 223 -10.06 38.42 47.15
N GLU A 224 -10.59 38.01 48.30
CA GLU A 224 -10.71 36.59 48.67
C GLU A 224 -12.06 35.98 48.25
N GLN A 225 -12.95 36.79 47.67
CA GLN A 225 -14.29 36.33 47.28
C GLN A 225 -14.34 35.81 45.86
N GLU A 226 -14.59 34.51 45.72
CA GLU A 226 -14.72 33.90 44.41
C GLU A 226 -15.92 34.46 43.68
N GLN A 227 -15.75 34.78 42.41
CA GLN A 227 -16.84 35.33 41.61
C GLN A 227 -17.55 34.15 40.95
N GLN A 228 -18.78 33.88 41.39
CA GLN A 228 -19.49 32.67 40.95
C GLN A 228 -19.97 32.72 39.50
N GLY A 229 -19.85 33.87 38.86
CA GLY A 229 -20.21 34.02 37.47
C GLY A 229 -19.08 33.54 36.57
N THR A 230 -18.00 33.05 37.19
CA THR A 230 -16.85 32.55 36.44
C THR A 230 -17.25 31.35 35.57
N GLN A 231 -17.03 31.44 34.26
CA GLN A 231 -17.34 30.35 33.35
C GLN A 231 -16.07 29.80 32.69
N ARG A 232 -15.80 28.55 32.98
CA ARG A 232 -14.69 27.80 32.40
C ARG A 232 -15.01 27.24 31.04
N GLY A 233 -14.11 27.44 30.08
CA GLY A 233 -14.26 26.84 28.76
C GLY A 233 -13.76 25.39 28.79
N ASP A 234 -13.69 24.78 27.61
CA ASP A 234 -13.15 23.43 27.46
C ASP A 234 -11.62 23.51 27.61
N ILE A 235 -10.98 22.46 28.13
CA ILE A 235 -9.53 22.37 28.19
C ILE A 235 -9.10 21.95 26.78
N LEU A 236 -8.24 22.75 26.16
CA LEU A 236 -7.89 22.61 24.76
C LEU A 236 -6.42 22.33 24.66
N PRO A 237 -6.04 21.52 23.69
CA PRO A 237 -4.66 21.07 23.57
C PRO A 237 -3.80 22.03 22.79
N SER A 238 -2.52 21.88 23.03
CA SER A 238 -1.53 22.54 22.18
C SER A 238 -0.61 21.48 21.60
N ALA A 239 0.10 21.82 20.53
CA ALA A 239 0.97 20.86 19.86
C ALA A 239 2.10 20.33 20.74
N ASP A 240 2.57 21.14 21.69
CA ASP A 240 3.67 20.69 22.54
C ASP A 240 3.24 19.76 23.67
N GLY A 241 1.96 19.41 23.75
CA GLY A 241 1.49 18.49 24.79
C GLY A 241 0.91 19.17 26.02
N THR A 242 0.91 20.51 26.05
CA THR A 242 0.37 21.24 27.19
C THR A 242 -1.08 21.58 26.91
N TRP A 243 -1.73 22.25 27.86
CA TRP A 243 -3.14 22.53 27.79
C TRP A 243 -3.42 24.04 27.89
N TYR A 244 -4.62 24.42 27.47
CA TYR A 244 -5.05 25.80 27.41
C TYR A 244 -6.51 25.83 27.90
N LEU A 245 -6.84 26.91 28.61
CA LEU A 245 -8.15 27.11 29.17
C LEU A 245 -8.45 28.62 29.28
N ARG A 246 -9.67 28.99 28.98
CA ARG A 246 -10.16 30.34 29.16
C ARG A 246 -11.19 30.34 30.26
N ALA A 247 -11.20 31.34 31.12
CA ALA A 247 -12.22 31.46 32.16
C ALA A 247 -12.76 32.87 32.07
N THR A 248 -14.05 33.01 31.77
CA THR A 248 -14.68 34.30 31.52
C THR A 248 -15.58 34.77 32.66
N LEU A 249 -15.91 36.06 32.64
CA LEU A 249 -16.75 36.70 33.65
C LEU A 249 -17.43 37.89 33.00
N GLU A 250 -18.75 37.95 33.14
CA GLU A 250 -19.52 39.08 32.62
C GLU A 250 -19.83 40.03 33.78
N VAL A 251 -19.70 41.33 33.54
CA VAL A 251 -19.92 42.38 34.56
C VAL A 251 -20.41 43.69 33.97
N ALA A 252 -21.13 44.44 34.80
CA ALA A 252 -21.51 45.81 34.44
C ALA A 252 -20.20 46.59 34.33
N ALA A 253 -20.16 47.58 33.45
CA ALA A 253 -18.91 48.30 33.22
C ALA A 253 -18.35 48.88 34.53
N GLY A 254 -19.22 49.53 35.30
CA GLY A 254 -18.84 50.14 36.55
C GLY A 254 -18.39 49.25 37.72
N GLU A 255 -18.38 47.93 37.54
CA GLU A 255 -17.93 47.01 38.60
C GLU A 255 -16.72 46.18 38.20
N ALA A 256 -16.02 46.59 37.14
CA ALA A 256 -14.80 45.91 36.70
C ALA A 256 -13.58 46.19 37.60
N ALA A 257 -13.64 47.28 38.36
CA ALA A 257 -12.55 47.63 39.27
C ALA A 257 -12.36 46.58 40.37
N ASP A 258 -11.11 46.37 40.77
CA ASP A 258 -10.73 45.44 41.85
C ASP A 258 -10.88 43.95 41.50
N LEU A 259 -11.13 43.61 40.23
CA LEU A 259 -11.23 42.20 39.83
C LEU A 259 -9.86 41.63 39.52
N SER A 260 -9.67 40.35 39.84
CA SER A 260 -8.43 39.62 39.53
C SER A 260 -8.71 38.15 39.15
N CYS A 261 -7.74 37.52 38.49
CA CYS A 261 -7.79 36.12 38.11
C CYS A 261 -6.73 35.34 38.88
N ARG A 262 -7.13 34.25 39.52
CA ARG A 262 -6.23 33.42 40.30
C ARG A 262 -6.15 32.02 39.68
N VAL A 263 -4.93 31.56 39.45
CA VAL A 263 -4.65 30.27 38.86
C VAL A 263 -3.88 29.46 39.91
N LYS A 264 -4.36 28.26 40.20
CA LYS A 264 -3.68 27.28 41.05
C LYS A 264 -3.42 26.06 40.17
N HIS A 265 -2.17 25.61 40.18
CA HIS A 265 -1.75 24.40 39.49
C HIS A 265 -0.67 23.69 40.31
N SER A 266 -0.62 22.35 40.16
CA SER A 266 0.33 21.43 40.81
C SER A 266 1.80 21.82 40.62
N SER A 267 2.09 22.43 39.47
CA SER A 267 3.48 22.79 39.13
C SER A 267 4.00 24.07 39.82
N LEU A 268 3.11 24.87 40.42
CA LEU A 268 3.48 26.21 40.91
C LEU A 268 4.10 26.23 42.30
N GLU A 269 4.09 25.07 42.97
CA GLU A 269 4.68 24.90 44.31
C GLU A 269 4.11 25.89 45.33
N GLY A 270 2.81 26.13 45.24
CA GLY A 270 2.08 27.04 46.14
C GLY A 270 1.99 28.52 45.77
N GLN A 271 2.72 28.97 44.74
CA GLN A 271 2.71 30.37 44.33
C GLN A 271 1.74 30.52 43.16
N ASP A 272 0.51 30.87 43.51
CA ASP A 272 -0.59 31.04 42.57
C ASP A 272 -0.26 32.17 41.60
N ILE A 273 -0.72 32.09 40.35
CA ILE A 273 -0.64 33.23 39.43
C ILE A 273 -1.81 34.16 39.76
N VAL A 274 -1.49 35.42 40.05
CA VAL A 274 -2.53 36.41 40.25
C VAL A 274 -2.33 37.60 39.32
N LEU A 275 -3.36 37.87 38.53
CA LEU A 275 -3.36 38.97 37.58
C LEU A 275 -4.52 39.92 37.90
N TYR A 276 -4.26 41.21 37.79
CA TYR A 276 -5.25 42.25 38.10
C TYR A 276 -5.77 42.92 36.83
N TRP A 277 -7.08 43.10 36.76
CA TRP A 277 -7.74 43.80 35.65
C TRP A 277 -7.54 45.33 35.78
N HIS A 278 -6.94 45.96 34.77
CA HIS A 278 -6.57 47.36 34.83
C HIS A 278 -7.56 48.22 34.02
N HIS A 279 -8.21 49.15 34.71
CA HIS A 279 -9.26 49.99 34.13
C HIS A 279 -8.86 51.47 34.02
N HIS A 280 -7.63 51.80 34.42
CA HIS A 280 -7.16 53.19 34.47
C HIS A 280 -6.67 53.78 33.13
N ILE B 1 -25.51 8.48 12.50
CA ILE B 1 -25.69 9.91 12.89
C ILE B 1 -24.65 10.82 12.21
N GLN B 2 -24.97 12.10 12.16
CA GLN B 2 -24.02 13.11 11.72
C GLN B 2 -23.93 14.15 12.84
N ARG B 3 -22.72 14.63 13.07
CA ARG B 3 -22.45 15.63 14.09
C ARG B 3 -21.69 16.78 13.47
N THR B 4 -22.13 18.00 13.73
CA THR B 4 -21.49 19.16 13.15
C THR B 4 -20.27 19.54 14.00
N PRO B 5 -19.21 20.01 13.36
CA PRO B 5 -17.99 20.39 14.08
C PRO B 5 -18.06 21.69 14.92
N LYS B 6 -17.46 21.65 16.12
CA LYS B 6 -17.18 22.82 16.95
C LYS B 6 -15.74 23.26 16.56
N ILE B 7 -15.50 24.56 16.49
CA ILE B 7 -14.26 25.12 16.00
C ILE B 7 -13.82 26.23 16.97
N GLN B 8 -12.60 26.12 17.45
CA GLN B 8 -12.07 27.03 18.43
C GLN B 8 -10.63 27.41 18.05
N VAL B 9 -10.40 28.70 18.01
CA VAL B 9 -9.15 29.28 17.56
C VAL B 9 -8.49 30.01 18.73
N TYR B 10 -7.19 29.83 18.87
CA TYR B 10 -6.47 30.43 19.98
C TYR B 10 -4.96 30.42 19.74
N SER B 11 -4.28 31.37 20.36
CA SER B 11 -2.82 31.41 20.31
C SER B 11 -2.25 30.71 21.56
N ARG B 12 -1.02 30.25 21.45
CA ARG B 12 -0.31 29.58 22.52
C ARG B 12 0.18 30.59 23.57
N HIS B 13 0.53 31.79 23.11
CA HIS B 13 1.06 32.86 23.96
C HIS B 13 0.24 34.12 23.78
N PRO B 14 0.35 35.03 24.75
CA PRO B 14 -0.27 36.33 24.58
C PRO B 14 0.23 37.01 23.29
N ALA B 15 -0.69 37.59 22.53
CA ALA B 15 -0.33 38.28 21.31
C ALA B 15 0.54 39.50 21.57
N GLU B 16 1.56 39.62 20.74
CA GLU B 16 2.56 40.66 20.85
C GLU B 16 3.02 40.93 19.42
N ASN B 17 2.74 42.11 18.89
CA ASN B 17 3.05 42.40 17.49
C ASN B 17 4.52 42.26 17.19
N GLY B 18 4.84 41.50 16.15
CA GLY B 18 6.21 41.30 15.68
C GLY B 18 6.97 40.18 16.37
N LYS B 19 6.35 39.46 17.30
CA LYS B 19 6.98 38.34 17.97
C LYS B 19 6.29 37.01 17.60
N SER B 20 7.09 35.98 17.36
CA SER B 20 6.61 34.69 16.90
C SER B 20 5.76 33.98 17.96
N ASN B 21 4.70 33.34 17.48
CA ASN B 21 3.68 32.70 18.34
C ASN B 21 3.22 31.40 17.61
N PHE B 22 2.23 30.72 18.17
CA PHE B 22 1.57 29.59 17.48
C PHE B 22 0.06 29.80 17.46
N LEU B 23 -0.55 29.62 16.30
CA LEU B 23 -1.98 29.77 16.10
C LEU B 23 -2.58 28.39 16.01
N ASN B 24 -3.64 28.16 16.75
CA ASN B 24 -4.26 26.85 16.85
C ASN B 24 -5.70 26.88 16.43
N CYS B 25 -6.15 25.79 15.81
CA CYS B 25 -7.55 25.58 15.48
C CYS B 25 -7.93 24.16 15.83
N TYR B 26 -8.73 24.06 16.88
CA TYR B 26 -9.20 22.78 17.40
C TYR B 26 -10.58 22.54 16.91
N VAL B 27 -10.71 21.48 16.10
CA VAL B 27 -11.98 21.10 15.50
C VAL B 27 -12.40 19.76 16.10
N SER B 28 -13.52 19.77 16.80
CA SER B 28 -14.00 18.61 17.54
C SER B 28 -15.50 18.35 17.37
N GLY B 29 -15.91 17.16 17.80
CA GLY B 29 -17.30 16.76 17.87
C GLY B 29 -17.97 16.51 16.54
N PHE B 30 -17.22 16.12 15.52
CA PHE B 30 -17.82 15.94 14.20
C PHE B 30 -17.88 14.47 13.73
N HIS B 31 -18.79 14.21 12.84
CA HIS B 31 -18.95 12.89 12.24
C HIS B 31 -19.72 13.10 10.96
N PRO B 32 -19.30 12.60 9.80
CA PRO B 32 -18.14 11.69 9.61
C PRO B 32 -16.77 12.38 9.59
N SER B 33 -15.72 11.62 9.36
CA SER B 33 -14.34 12.07 9.61
C SER B 33 -13.86 12.97 8.52
N ASP B 34 -14.37 12.75 7.33
CA ASP B 34 -14.02 13.60 6.20
C ASP B 34 -14.31 15.08 6.48
N ILE B 35 -13.24 15.88 6.43
CA ILE B 35 -13.29 17.29 6.77
C ILE B 35 -12.18 18.07 6.03
N GLU B 36 -12.42 19.35 5.77
CA GLU B 36 -11.41 20.23 5.14
C GLU B 36 -11.16 21.36 6.12
N VAL B 37 -9.91 21.54 6.54
CA VAL B 37 -9.53 22.55 7.51
C VAL B 37 -8.31 23.33 7.01
N ASP B 38 -8.44 24.64 6.96
CA ASP B 38 -7.41 25.56 6.52
C ASP B 38 -7.21 26.69 7.54
N LEU B 39 -5.96 27.09 7.80
CA LEU B 39 -5.70 28.31 8.55
C LEU B 39 -5.54 29.39 7.47
N LEU B 40 -6.12 30.56 7.71
CA LEU B 40 -6.06 31.63 6.77
C LEU B 40 -5.30 32.85 7.34
N LYS B 41 -4.55 33.52 6.47
CA LYS B 41 -3.93 34.79 6.77
C LYS B 41 -4.47 35.71 5.70
N ASN B 42 -5.22 36.73 6.12
CA ASN B 42 -5.84 37.67 5.19
C ASN B 42 -6.73 36.99 4.14
N GLY B 43 -7.51 36.01 4.66
CA GLY B 43 -8.49 35.18 3.90
C GLY B 43 -7.88 34.04 3.08
N GLU B 44 -6.53 34.04 2.99
CA GLU B 44 -5.77 33.21 2.03
C GLU B 44 -5.12 32.09 2.77
N ARG B 45 -5.26 30.89 2.22
CA ARG B 45 -4.75 29.66 2.82
C ARG B 45 -3.26 29.74 3.23
N ILE B 46 -2.96 29.32 4.46
CA ILE B 46 -1.56 29.21 4.92
C ILE B 46 -1.09 27.81 4.48
N GLU B 47 0.13 27.73 3.97
CA GLU B 47 0.64 26.53 3.29
C GLU B 47 1.15 25.39 4.19
N LYS B 48 2.06 25.69 5.11
CA LYS B 48 2.64 24.62 5.93
C LYS B 48 1.92 24.62 7.26
N VAL B 49 0.84 23.86 7.32
CA VAL B 49 0.05 23.76 8.54
C VAL B 49 0.07 22.29 8.96
N GLU B 50 0.40 22.07 10.24
CA GLU B 50 0.43 20.75 10.84
C GLU B 50 -0.87 20.38 11.50
N HIS B 51 -1.10 19.08 11.61
CA HIS B 51 -2.24 18.60 12.34
C HIS B 51 -1.97 17.29 13.05
N SER B 52 -2.75 17.03 14.08
CA SER B 52 -2.57 15.80 14.86
C SER B 52 -3.14 14.63 14.06
N ASP B 53 -2.83 13.41 14.46
CA ASP B 53 -3.44 12.25 13.84
C ASP B 53 -4.94 12.33 14.20
N LEU B 54 -5.79 11.84 13.30
CA LEU B 54 -7.22 11.79 13.56
C LEU B 54 -7.46 10.91 14.79
N SER B 55 -8.30 11.38 15.69
CA SER B 55 -8.77 10.58 16.82
C SER B 55 -10.27 10.82 17.07
N PHE B 56 -10.85 10.07 18.00
CA PHE B 56 -12.24 10.32 18.35
C PHE B 56 -12.48 10.23 19.85
N SER B 57 -13.54 10.90 20.31
CA SER B 57 -13.87 10.89 21.74
C SER B 57 -14.65 9.64 22.12
N LYS B 58 -15.04 9.54 23.38
CA LYS B 58 -15.82 8.41 23.88
C LYS B 58 -17.18 8.31 23.16
N ASP B 59 -17.76 9.45 22.74
CA ASP B 59 -19.05 9.43 22.03
C ASP B 59 -18.93 9.13 20.51
N TRP B 60 -17.73 8.75 20.06
CA TRP B 60 -17.43 8.36 18.68
C TRP B 60 -17.16 9.54 17.72
N SER B 61 -17.38 10.76 18.20
CA SER B 61 -17.18 11.96 17.40
C SER B 61 -15.68 12.28 17.26
N PHE B 62 -15.30 12.80 16.10
CA PHE B 62 -13.88 13.02 15.78
C PHE B 62 -13.35 14.37 16.22
N TYR B 63 -12.02 14.43 16.34
CA TYR B 63 -11.35 15.69 16.68
C TYR B 63 -9.92 15.78 16.16
N LEU B 64 -9.54 16.99 15.78
CA LEU B 64 -8.23 17.29 15.24
C LEU B 64 -7.72 18.64 15.78
N LEU B 65 -6.40 18.77 15.93
CA LEU B 65 -5.75 20.04 16.22
C LEU B 65 -4.90 20.40 15.02
N TYR B 66 -5.15 21.58 14.45
CA TYR B 66 -4.37 22.19 13.39
C TYR B 66 -3.59 23.38 13.97
N TYR B 67 -2.33 23.56 13.58
CA TYR B 67 -1.50 24.64 14.14
C TYR B 67 -0.36 25.05 13.20
N THR B 68 0.10 26.28 13.36
CA THR B 68 1.24 26.78 12.64
C THR B 68 1.88 27.92 13.40
N GLU B 69 3.17 28.13 13.19
CA GLU B 69 3.83 29.30 13.73
C GLU B 69 3.23 30.48 12.96
N PHE B 70 3.19 31.65 13.61
CA PHE B 70 2.73 32.90 12.98
C PHE B 70 3.18 34.10 13.81
N THR B 71 3.21 35.26 13.16
CA THR B 71 3.62 36.49 13.82
C THR B 71 2.47 37.49 13.75
N PRO B 72 1.79 37.72 14.87
CA PRO B 72 0.72 38.70 14.90
C PRO B 72 1.22 40.07 14.49
N THR B 73 0.40 40.80 13.77
CA THR B 73 0.67 42.19 13.38
C THR B 73 -0.63 42.94 13.61
N GLU B 74 -0.54 44.27 13.65
CA GLU B 74 -1.71 45.15 13.70
C GLU B 74 -2.65 44.85 12.52
N LYS B 75 -2.09 44.89 11.32
CA LYS B 75 -2.85 44.70 10.06
C LYS B 75 -3.29 43.26 9.70
N ASP B 76 -2.55 42.24 10.12
CA ASP B 76 -2.83 40.87 9.65
C ASP B 76 -3.99 40.18 10.37
N GLU B 77 -4.90 39.59 9.60
CA GLU B 77 -6.04 38.83 10.11
C GLU B 77 -5.85 37.35 9.93
N TYR B 78 -6.10 36.60 10.99
CA TYR B 78 -5.95 35.17 10.99
C TYR B 78 -7.29 34.51 11.31
N ALA B 79 -7.46 33.27 10.83
CA ALA B 79 -8.75 32.59 10.88
C ALA B 79 -8.65 31.12 10.56
N CYS B 80 -9.72 30.39 10.88
CA CYS B 80 -9.79 28.96 10.61
C CYS B 80 -11.02 28.76 9.74
N ARG B 81 -10.85 28.07 8.63
CA ARG B 81 -11.94 27.80 7.70
C ARG B 81 -12.17 26.30 7.71
N VAL B 82 -13.43 25.88 7.93
CA VAL B 82 -13.83 24.49 8.00
C VAL B 82 -14.97 24.17 7.05
N ASN B 83 -14.77 23.16 6.22
CA ASN B 83 -15.88 22.58 5.47
C ASN B 83 -16.13 21.14 5.91
N HIS B 84 -17.41 20.80 5.98
CA HIS B 84 -17.86 19.49 6.39
C HIS B 84 -19.21 19.28 5.75
N VAL B 85 -19.62 18.03 5.61
CA VAL B 85 -20.91 17.71 5.00
C VAL B 85 -22.11 18.24 5.82
N THR B 86 -21.96 18.44 7.14
CA THR B 86 -23.03 19.02 7.95
C THR B 86 -23.24 20.51 7.75
N LEU B 87 -22.33 21.19 7.06
CA LEU B 87 -22.40 22.62 6.87
C LEU B 87 -22.84 22.93 5.44
N SER B 88 -23.74 23.90 5.31
CA SER B 88 -24.25 24.35 4.01
C SER B 88 -23.25 25.25 3.29
N GLN B 89 -22.48 26.02 4.05
CA GLN B 89 -21.33 26.77 3.53
C GLN B 89 -20.17 26.55 4.47
N PRO B 90 -18.94 26.74 3.99
CA PRO B 90 -17.77 26.66 4.89
C PRO B 90 -17.89 27.68 6.04
N LYS B 91 -17.56 27.27 7.24
CA LYS B 91 -17.56 28.11 8.42
C LYS B 91 -16.15 28.69 8.61
N ILE B 92 -16.09 29.98 8.92
CA ILE B 92 -14.84 30.71 9.20
C ILE B 92 -14.95 31.31 10.61
N VAL B 93 -14.00 30.98 11.46
CA VAL B 93 -13.89 31.56 12.79
C VAL B 93 -12.58 32.34 12.85
N LYS B 94 -12.67 33.62 13.18
CA LYS B 94 -11.50 34.51 13.21
C LYS B 94 -10.75 34.42 14.55
N TRP B 95 -9.41 34.49 14.50
CA TRP B 95 -8.60 34.78 15.68
C TRP B 95 -8.77 36.25 16.07
N ASP B 96 -9.17 36.50 17.30
CA ASP B 96 -9.22 37.85 17.83
C ASP B 96 -8.61 37.84 19.22
N ARG B 97 -7.52 38.60 19.38
CA ARG B 97 -6.81 38.62 20.65
C ARG B 97 -7.63 39.29 21.78
N ASP B 98 -8.58 40.14 21.42
CA ASP B 98 -9.42 40.80 22.42
C ASP B 98 -10.89 40.37 22.38
N MET B 99 -11.15 39.17 21.89
CA MET B 99 -12.46 38.54 22.02
C MET B 99 -12.30 37.10 22.51
N PRO C 7 20.77 -26.87 -18.24
CA PRO C 7 20.82 -25.37 -18.21
C PRO C 7 19.70 -24.71 -17.39
N LEU C 8 19.07 -25.48 -16.49
CA LEU C 8 17.94 -25.00 -15.68
C LEU C 8 18.36 -23.82 -14.80
N SER C 9 17.38 -23.07 -14.30
CA SER C 9 17.66 -21.80 -13.65
C SER C 9 16.47 -21.24 -12.84
N PHE C 10 16.77 -20.76 -11.64
CA PHE C 10 15.75 -20.07 -10.87
C PHE C 10 16.24 -18.68 -10.54
N HIS C 11 15.40 -17.68 -10.77
CA HIS C 11 15.74 -16.31 -10.40
C HIS C 11 14.54 -15.52 -9.93
N VAL C 12 14.83 -14.62 -8.99
CA VAL C 12 13.90 -13.61 -8.53
C VAL C 12 14.18 -12.35 -9.36
N ILE C 13 13.12 -11.75 -9.91
CA ILE C 13 13.25 -10.48 -10.59
C ILE C 13 12.54 -9.37 -9.82
N TRP C 14 13.06 -8.16 -9.99
CA TRP C 14 12.51 -6.91 -9.50
C TRP C 14 12.31 -6.02 -10.72
N ILE C 15 11.12 -5.46 -10.87
CA ILE C 15 10.85 -4.45 -11.87
C ILE C 15 10.33 -3.24 -11.12
N ALA C 16 11.14 -2.20 -11.08
CA ALA C 16 10.83 -0.97 -10.40
C ALA C 16 10.77 0.15 -11.43
N SER C 17 9.62 0.81 -11.51
CA SER C 17 9.38 1.86 -12.47
C SER C 17 9.10 3.18 -11.74
N PHE C 18 9.93 4.17 -12.04
CA PHE C 18 9.81 5.49 -11.46
C PHE C 18 9.41 6.41 -12.59
N TYR C 19 8.12 6.68 -12.68
CA TYR C 19 7.61 7.46 -13.81
C TYR C 19 7.53 8.93 -13.46
N ASN C 20 6.88 9.25 -12.34
CA ASN C 20 6.67 10.64 -11.96
C ASN C 20 7.51 11.05 -10.75
N HIS C 21 7.29 12.28 -10.30
CA HIS C 21 7.93 12.81 -9.10
C HIS C 21 7.50 11.96 -7.90
N SER C 22 6.19 11.69 -7.82
CA SER C 22 5.58 11.00 -6.69
C SER C 22 4.70 9.79 -7.07
N TRP C 23 5.00 9.14 -8.20
CA TRP C 23 4.30 7.90 -8.61
C TRP C 23 5.31 6.81 -9.03
N LYS C 24 5.18 5.61 -8.46
CA LYS C 24 6.07 4.51 -8.82
C LYS C 24 5.49 3.10 -8.52
N GLN C 25 5.99 2.12 -9.28
CA GLN C 25 5.54 0.72 -9.29
C GLN C 25 6.65 -0.25 -8.90
N ASN C 26 6.27 -1.32 -8.23
CA ASN C 26 7.19 -2.24 -7.62
C ASN C 26 6.69 -3.67 -7.79
N LEU C 27 7.40 -4.49 -8.56
CA LEU C 27 7.00 -5.87 -8.79
C LEU C 27 8.14 -6.83 -8.50
N VAL C 28 7.90 -7.81 -7.63
CA VAL C 28 8.86 -8.88 -7.38
C VAL C 28 8.20 -10.22 -7.64
N SER C 29 8.94 -11.14 -8.26
CA SER C 29 8.45 -12.48 -8.56
C SER C 29 9.59 -13.49 -8.79
N GLY C 30 9.28 -14.76 -8.62
CA GLY C 30 10.26 -15.83 -8.78
C GLY C 30 9.92 -16.68 -9.97
N TRP C 31 10.95 -17.18 -10.63
CA TRP C 31 10.75 -17.91 -11.87
C TRP C 31 11.74 -19.05 -12.04
N LEU C 32 11.23 -20.17 -12.54
CA LEU C 32 12.03 -21.35 -12.85
C LEU C 32 12.09 -21.39 -14.37
N SER C 33 13.07 -20.70 -14.94
CA SER C 33 13.17 -20.43 -16.37
C SER C 33 11.92 -19.61 -16.78
N ASP C 34 11.12 -20.10 -17.72
CA ASP C 34 9.95 -19.38 -18.24
C ASP C 34 8.68 -19.50 -17.37
N LEU C 35 8.69 -20.40 -16.38
CA LEU C 35 7.53 -20.69 -15.52
C LEU C 35 7.51 -19.92 -14.20
N GLN C 36 6.53 -19.05 -14.03
CA GLN C 36 6.38 -18.30 -12.79
C GLN C 36 5.97 -19.24 -11.63
N THR C 37 6.69 -19.15 -10.51
CA THR C 37 6.44 -19.98 -9.33
C THR C 37 6.10 -19.19 -8.07
N HIS C 38 6.41 -17.89 -8.06
CA HIS C 38 6.22 -17.04 -6.89
C HIS C 38 5.88 -15.60 -7.26
N THR C 39 5.10 -14.95 -6.40
CA THR C 39 4.81 -13.52 -6.46
C THR C 39 4.95 -12.94 -5.06
N TRP C 40 5.45 -11.71 -4.97
CA TRP C 40 5.44 -10.97 -3.71
C TRP C 40 4.18 -10.11 -3.73
N ASP C 41 3.24 -10.37 -2.82
CA ASP C 41 1.97 -9.61 -2.70
C ASP C 41 2.11 -8.44 -1.71
N SER C 42 2.15 -7.23 -2.25
CA SER C 42 2.44 -6.02 -1.45
C SER C 42 1.40 -5.68 -0.41
N ASN C 43 0.15 -5.97 -0.71
CA ASN C 43 -0.95 -5.70 0.20
C ASN C 43 -0.73 -6.43 1.54
N SER C 44 -0.56 -7.75 1.48
CA SER C 44 -0.38 -8.58 2.67
C SER C 44 1.07 -8.71 3.16
N SER C 45 2.03 -8.28 2.34
CA SER C 45 3.44 -8.38 2.67
C SER C 45 3.82 -9.86 2.88
N THR C 46 3.48 -10.69 1.89
CA THR C 46 3.79 -12.12 1.90
C THR C 46 4.17 -12.67 0.54
N ILE C 47 4.88 -13.79 0.57
CA ILE C 47 5.21 -14.53 -0.65
C ILE C 47 4.00 -15.41 -1.01
N VAL C 48 3.53 -15.31 -2.24
CA VAL C 48 2.44 -16.11 -2.76
C VAL C 48 3.06 -17.30 -3.48
N PHE C 49 2.71 -18.51 -3.04
CA PHE C 49 3.15 -19.75 -3.68
C PHE C 49 2.16 -20.14 -4.78
N LEU C 50 2.56 -19.99 -6.05
CA LEU C 50 1.65 -20.22 -7.19
C LEU C 50 1.36 -21.71 -7.45
N TRP C 51 2.27 -22.57 -6.99
CA TRP C 51 2.07 -24.02 -7.07
C TRP C 51 2.17 -24.65 -5.67
N PRO C 52 1.48 -25.77 -5.44
CA PRO C 52 1.62 -26.49 -4.15
C PRO C 52 3.06 -26.95 -3.84
N TRP C 53 3.93 -26.99 -4.84
CA TRP C 53 5.33 -27.40 -4.68
C TRP C 53 6.33 -26.22 -4.76
N SER C 54 5.81 -24.99 -4.80
CA SER C 54 6.65 -23.77 -4.85
C SER C 54 7.43 -23.58 -3.56
N ARG C 55 6.95 -24.21 -2.48
CA ARG C 55 7.66 -24.22 -1.21
C ARG C 55 8.99 -24.98 -1.25
N GLY C 56 9.20 -25.87 -2.22
CA GLY C 56 10.44 -26.63 -2.27
C GLY C 56 10.53 -27.54 -1.05
N ASN C 57 11.74 -27.74 -0.52
CA ASN C 57 11.96 -28.48 0.73
C ASN C 57 12.15 -27.53 1.92
N PHE C 58 11.72 -26.27 1.76
CA PHE C 58 11.85 -25.25 2.81
C PHE C 58 10.71 -25.33 3.85
N SER C 59 11.08 -25.20 5.12
CA SER C 59 10.14 -25.22 6.23
C SER C 59 9.42 -23.88 6.39
N ASN C 60 8.37 -23.91 7.21
CA ASN C 60 7.56 -22.73 7.44
C ASN C 60 8.38 -21.58 8.03
N GLU C 61 9.26 -21.91 8.99
CA GLU C 61 10.11 -20.92 9.66
C GLU C 61 11.08 -20.23 8.67
N GLU C 62 11.71 -21.02 7.79
CA GLU C 62 12.67 -20.48 6.82
C GLU C 62 11.97 -19.58 5.80
N TRP C 63 10.75 -19.95 5.42
CA TRP C 63 9.96 -19.10 4.53
C TRP C 63 9.54 -17.82 5.23
N LYS C 64 9.30 -17.93 6.53
CA LYS C 64 8.92 -16.78 7.32
C LYS C 64 10.11 -15.80 7.38
N GLU C 65 11.32 -16.31 7.56
CA GLU C 65 12.49 -15.44 7.63
C GLU C 65 12.76 -14.84 6.27
N LEU C 66 12.46 -15.56 5.21
CA LEU C 66 12.64 -15.04 3.87
C LEU C 66 11.58 -13.97 3.56
N GLU C 67 10.37 -14.14 4.11
CA GLU C 67 9.27 -13.16 3.95
C GLU C 67 9.66 -11.87 4.67
N THR C 68 10.33 -12.00 5.82
CA THR C 68 10.80 -10.85 6.58
C THR C 68 11.86 -10.10 5.78
N LEU C 69 12.78 -10.86 5.18
CA LEU C 69 13.88 -10.31 4.39
C LEU C 69 13.34 -9.52 3.20
N PHE C 70 12.38 -10.10 2.48
CA PHE C 70 11.76 -9.43 1.34
C PHE C 70 10.96 -8.20 1.79
N ARG C 71 10.25 -8.32 2.91
CA ARG C 71 9.44 -7.23 3.46
C ARG C 71 10.33 -5.99 3.62
N ILE C 72 11.46 -6.19 4.29
CA ILE C 72 12.38 -5.09 4.61
C ILE C 72 13.07 -4.55 3.35
N ARG C 73 13.61 -5.44 2.53
CA ARG C 73 14.46 -5.06 1.40
C ARG C 73 13.76 -4.41 0.20
N THR C 74 12.53 -4.83 -0.09
CA THR C 74 11.80 -4.24 -1.22
C THR C 74 11.54 -2.76 -0.99
N ILE C 75 11.21 -2.39 0.24
CA ILE C 75 10.87 -1.00 0.51
C ILE C 75 12.14 -0.17 0.64
N ARG C 76 13.12 -0.63 1.40
CA ARG C 76 14.41 0.10 1.51
C ARG C 76 15.08 0.30 0.14
N SER C 77 15.00 -0.70 -0.75
CA SER C 77 15.63 -0.59 -2.08
C SER C 77 14.86 0.39 -2.97
N PHE C 78 13.54 0.27 -2.95
CA PHE C 78 12.65 1.19 -3.67
C PHE C 78 12.89 2.63 -3.21
N GLU C 79 12.74 2.85 -1.90
CA GLU C 79 12.94 4.17 -1.29
C GLU C 79 14.34 4.71 -1.58
N GLY C 80 15.33 3.83 -1.48
CA GLY C 80 16.73 4.16 -1.69
C GLY C 80 17.05 4.66 -3.08
N ILE C 81 16.47 4.04 -4.09
CA ILE C 81 16.70 4.45 -5.47
C ILE C 81 16.08 5.83 -5.70
N ARG C 82 14.89 6.06 -5.16
CA ARG C 82 14.21 7.35 -5.31
C ARG C 82 15.06 8.48 -4.74
N ARG C 83 15.58 8.32 -3.52
CA ARG C 83 16.38 9.37 -2.88
C ARG C 83 17.78 9.54 -3.47
N TYR C 84 18.34 8.50 -4.07
CA TYR C 84 19.66 8.60 -4.71
C TYR C 84 19.56 9.04 -6.18
N ALA C 85 18.34 9.12 -6.72
CA ALA C 85 18.10 9.45 -8.13
C ALA C 85 18.78 10.73 -8.63
N HIS C 86 18.56 11.87 -7.99
CA HIS C 86 19.14 13.14 -8.45
C HIS C 86 20.66 13.07 -8.54
N GLU C 87 21.24 12.52 -7.47
CA GLU C 87 22.68 12.31 -7.31
C GLU C 87 23.30 11.45 -8.42
N LEU C 88 22.65 10.33 -8.70
CA LEU C 88 23.11 9.36 -9.71
C LEU C 88 22.69 9.82 -11.11
N GLN C 89 21.97 10.95 -11.17
CA GLN C 89 21.42 11.52 -12.40
C GLN C 89 20.39 10.64 -13.11
N PHE C 90 19.68 9.78 -12.36
CA PHE C 90 18.57 9.01 -12.93
C PHE C 90 17.48 10.00 -13.30
N GLU C 91 17.09 10.00 -14.57
CA GLU C 91 16.13 10.95 -15.08
C GLU C 91 14.76 10.30 -15.18
N TYR C 92 13.76 10.96 -14.62
CA TYR C 92 12.38 10.49 -14.75
C TYR C 92 11.95 10.78 -16.20
N PRO C 93 11.23 9.87 -16.86
CA PRO C 93 10.87 8.52 -16.36
C PRO C 93 11.99 7.49 -16.54
N PHE C 94 12.24 6.66 -15.52
CA PHE C 94 13.25 5.59 -15.63
C PHE C 94 12.83 4.24 -15.01
N GLU C 95 13.59 3.19 -15.35
CA GLU C 95 13.31 1.87 -14.87
C GLU C 95 14.54 1.13 -14.36
N ILE C 96 14.36 0.41 -13.27
CA ILE C 96 15.38 -0.46 -12.70
C ILE C 96 14.88 -1.89 -12.76
N GLN C 97 15.71 -2.77 -13.28
CA GLN C 97 15.43 -4.21 -13.29
C GLN C 97 16.54 -4.94 -12.58
N VAL C 98 16.18 -5.95 -11.81
CA VAL C 98 17.13 -6.82 -11.15
C VAL C 98 16.75 -8.29 -11.37
N THR C 99 17.75 -9.14 -11.58
CA THR C 99 17.55 -10.56 -11.58
C THR C 99 18.66 -11.20 -10.77
N GLY C 100 18.29 -12.07 -9.86
CA GLY C 100 19.27 -12.75 -9.04
C GLY C 100 18.83 -14.17 -8.75
N GLY C 101 19.79 -15.08 -8.77
CA GLY C 101 19.50 -16.47 -8.53
C GLY C 101 20.68 -17.34 -8.86
N CYS C 102 20.42 -18.57 -9.27
CA CYS C 102 21.49 -19.50 -9.60
C CYS C 102 21.10 -20.39 -10.77
N GLU C 103 22.10 -21.10 -11.27
CA GLU C 103 21.97 -21.94 -12.45
C GLU C 103 22.46 -23.34 -12.15
N LEU C 104 22.00 -24.27 -12.97
CA LEU C 104 22.31 -25.68 -12.83
C LEU C 104 22.80 -26.23 -14.17
N HIS C 105 24.02 -26.78 -14.18
CA HIS C 105 24.60 -27.45 -15.35
C HIS C 105 24.78 -28.94 -15.02
N SER C 106 24.00 -29.78 -15.71
CA SER C 106 24.03 -31.24 -15.51
C SER C 106 23.79 -31.67 -14.05
N GLY C 107 22.83 -31.01 -13.40
CA GLY C 107 22.46 -31.34 -12.03
C GLY C 107 23.46 -30.99 -10.93
N LYS C 108 24.20 -29.89 -11.11
CA LYS C 108 25.20 -29.45 -10.13
C LYS C 108 25.18 -27.94 -9.98
N VAL C 109 25.84 -27.44 -8.93
CA VAL C 109 25.97 -25.99 -8.65
C VAL C 109 26.81 -25.28 -9.73
N SER C 110 26.12 -24.69 -10.72
CA SER C 110 26.79 -24.04 -11.86
C SER C 110 27.39 -22.70 -11.47
N GLY C 111 26.63 -21.92 -10.73
CA GLY C 111 27.04 -20.59 -10.32
C GLY C 111 25.85 -19.74 -9.92
N SER C 112 26.12 -18.55 -9.42
CA SER C 112 25.09 -17.61 -9.00
C SER C 112 25.30 -16.27 -9.69
N PHE C 113 24.26 -15.43 -9.70
CA PHE C 113 24.31 -14.16 -10.40
C PHE C 113 23.35 -13.15 -9.77
N LEU C 114 23.70 -11.88 -9.88
CA LEU C 114 22.85 -10.78 -9.41
C LEU C 114 23.23 -9.58 -10.23
N GLN C 115 22.31 -9.16 -11.10
CA GLN C 115 22.55 -8.11 -12.07
C GLN C 115 21.44 -7.08 -12.05
N LEU C 116 21.82 -5.82 -12.17
CA LEU C 116 20.88 -4.73 -12.17
C LEU C 116 21.08 -3.95 -13.45
N ALA C 117 19.96 -3.48 -14.00
CA ALA C 117 19.94 -2.70 -15.22
C ALA C 117 19.24 -1.36 -14.99
N TYR C 118 19.64 -0.36 -15.76
CA TYR C 118 19.01 0.94 -15.78
C TYR C 118 18.72 1.31 -17.23
N GLN C 119 17.46 1.65 -17.48
CA GLN C 119 16.97 2.01 -18.81
C GLN C 119 17.17 0.90 -19.85
N GLY C 120 17.08 -0.35 -19.41
CA GLY C 120 17.19 -1.49 -20.31
C GLY C 120 18.60 -1.99 -20.64
N SER C 121 19.63 -1.46 -20.00
CA SER C 121 21.01 -1.90 -20.23
C SER C 121 21.71 -2.25 -18.93
N ASP C 122 22.72 -3.11 -19.01
CA ASP C 122 23.51 -3.49 -17.84
C ASP C 122 24.04 -2.25 -17.13
N PHE C 123 24.07 -2.30 -15.81
CA PHE C 123 24.52 -1.15 -15.02
C PHE C 123 25.48 -1.59 -13.93
N VAL C 124 25.04 -2.46 -13.02
CA VAL C 124 25.91 -3.05 -11.99
C VAL C 124 25.58 -4.52 -11.75
N SER C 125 26.52 -5.24 -11.15
CA SER C 125 26.33 -6.62 -10.75
C SER C 125 27.11 -6.98 -9.47
N PHE C 126 26.62 -7.94 -8.71
CA PHE C 126 27.22 -8.37 -7.45
C PHE C 126 28.02 -9.65 -7.73
N GLN C 127 29.31 -9.61 -7.43
CA GLN C 127 30.19 -10.75 -7.68
C GLN C 127 31.28 -10.77 -6.62
N ASN C 128 31.54 -11.97 -6.08
CA ASN C 128 32.60 -12.16 -5.11
C ASN C 128 32.49 -11.19 -3.93
N ASN C 129 31.27 -11.09 -3.42
CA ASN C 129 30.97 -10.28 -2.24
C ASN C 129 31.11 -8.76 -2.44
N SER C 130 30.88 -8.29 -3.67
CA SER C 130 31.03 -6.88 -3.98
C SER C 130 30.28 -6.42 -5.22
N TRP C 131 29.71 -5.22 -5.18
CA TRP C 131 29.06 -4.63 -6.34
C TRP C 131 30.14 -4.07 -7.25
N LEU C 132 30.05 -4.39 -8.54
CA LEU C 132 31.03 -4.03 -9.57
C LEU C 132 30.34 -3.27 -10.71
N PRO C 133 30.95 -2.18 -11.18
CA PRO C 133 30.35 -1.40 -12.26
C PRO C 133 30.57 -2.00 -13.66
N TYR C 134 29.57 -1.79 -14.53
CA TYR C 134 29.60 -2.20 -15.93
C TYR C 134 30.35 -1.08 -16.65
N PRO C 135 31.50 -1.38 -17.24
CA PRO C 135 32.35 -0.35 -17.85
C PRO C 135 31.67 0.69 -18.74
N VAL C 136 30.85 0.29 -19.70
CA VAL C 136 30.20 1.25 -20.59
C VAL C 136 29.11 2.12 -19.91
N ALA C 137 28.62 1.69 -18.76
CA ALA C 137 27.60 2.48 -18.06
C ALA C 137 28.18 3.78 -17.51
N GLY C 138 29.49 3.80 -17.25
CA GLY C 138 30.19 5.01 -16.87
C GLY C 138 30.27 5.36 -15.38
N ASN C 139 30.58 6.62 -15.11
CA ASN C 139 30.82 7.11 -13.76
C ASN C 139 29.62 7.00 -12.83
N MET C 140 28.41 7.07 -13.38
CA MET C 140 27.21 6.98 -12.52
C MET C 140 27.04 5.56 -11.95
N ALA C 141 27.54 4.56 -12.67
CA ALA C 141 27.55 3.18 -12.17
C ALA C 141 28.66 3.00 -11.14
N LYS C 142 29.76 3.71 -11.33
CA LYS C 142 30.85 3.70 -10.36
C LYS C 142 30.38 4.33 -9.05
N HIS C 143 29.57 5.37 -9.12
CA HIS C 143 29.10 6.04 -7.91
C HIS C 143 28.07 5.18 -7.20
N PHE C 144 27.21 4.55 -7.99
CA PHE C 144 26.24 3.62 -7.46
C PHE C 144 26.93 2.52 -6.67
N CYS C 145 28.04 2.03 -7.20
CA CYS C 145 28.74 0.92 -6.55
C CYS C 145 29.35 1.35 -5.22
N LYS C 146 29.80 2.59 -5.14
CA LYS C 146 30.33 3.13 -3.90
C LYS C 146 29.24 3.18 -2.82
N VAL C 147 28.02 3.54 -3.22
CA VAL C 147 26.89 3.58 -2.29
C VAL C 147 26.56 2.18 -1.79
N LEU C 148 26.41 1.24 -2.71
CA LEU C 148 26.08 -0.15 -2.37
C LEU C 148 27.14 -0.83 -1.51
N ASN C 149 28.41 -0.47 -1.70
CA ASN C 149 29.51 -1.14 -1.01
C ASN C 149 29.83 -0.63 0.41
N GLN C 150 29.11 0.41 0.86
CA GLN C 150 29.24 0.93 2.23
C GLN C 150 28.72 -0.07 3.26
N ASN C 151 27.59 -0.70 2.95
CA ASN C 151 27.01 -1.69 3.84
C ASN C 151 27.61 -3.07 3.58
N GLN C 152 28.59 -3.46 4.39
CA GLN C 152 29.21 -4.78 4.28
C GLN C 152 28.37 -5.87 4.95
N HIS C 153 27.59 -5.50 5.96
CA HIS C 153 26.67 -6.40 6.64
C HIS C 153 25.59 -6.83 5.65
N GLU C 154 25.02 -5.85 4.95
CA GLU C 154 23.98 -6.13 3.96
C GLU C 154 24.54 -6.89 2.76
N ASN C 155 25.81 -6.65 2.41
CA ASN C 155 26.47 -7.39 1.34
C ASN C 155 26.71 -8.85 1.75
N ASP C 156 27.01 -9.06 3.03
CA ASP C 156 27.22 -10.40 3.55
C ASP C 156 25.90 -11.19 3.48
N ILE C 157 24.77 -10.51 3.65
CA ILE C 157 23.47 -11.16 3.59
C ILE C 157 23.16 -11.59 2.16
N THR C 158 23.42 -10.70 1.21
CA THR C 158 23.17 -10.97 -0.20
C THR C 158 24.02 -12.12 -0.71
N HIS C 159 25.25 -12.23 -0.21
CA HIS C 159 26.17 -13.31 -0.59
C HIS C 159 25.72 -14.67 -0.03
N ASN C 160 25.13 -14.67 1.17
CA ASN C 160 24.63 -15.91 1.78
C ASN C 160 23.39 -16.42 1.06
N LEU C 161 22.55 -15.50 0.59
CA LEU C 161 21.37 -15.84 -0.19
C LEU C 161 21.78 -16.48 -1.51
N LEU C 162 22.75 -15.87 -2.18
CA LEU C 162 23.18 -16.32 -3.49
C LEU C 162 23.90 -17.63 -3.42
N SER C 163 24.96 -17.65 -2.62
CA SER C 163 25.88 -18.80 -2.57
C SER C 163 25.48 -19.96 -1.66
N ASP C 164 24.45 -19.78 -0.82
CA ASP C 164 24.03 -20.88 0.08
C ASP C 164 22.52 -21.13 0.00
N THR C 165 21.71 -20.13 0.32
CA THR C 165 20.27 -20.29 0.29
C THR C 165 19.72 -20.75 -1.09
N CYS C 166 20.14 -20.10 -2.16
CA CYS C 166 19.58 -20.35 -3.50
C CYS C 166 19.86 -21.73 -4.17
N PRO C 167 21.07 -22.26 -4.06
CA PRO C 167 21.36 -23.63 -4.51
C PRO C 167 20.53 -24.69 -3.79
N ARG C 168 20.42 -24.59 -2.46
CA ARG C 168 19.58 -25.52 -1.71
C ARG C 168 18.15 -25.44 -2.21
N PHE C 169 17.72 -24.24 -2.58
CA PHE C 169 16.33 -24.03 -2.99
C PHE C 169 15.99 -24.56 -4.38
N ILE C 170 16.87 -24.39 -5.35
CA ILE C 170 16.56 -24.77 -6.71
C ILE C 170 16.50 -26.28 -6.79
N LEU C 171 17.33 -26.93 -5.97
CA LEU C 171 17.42 -28.38 -5.96
C LEU C 171 16.21 -28.99 -5.27
N GLY C 172 15.75 -28.37 -4.19
CA GLY C 172 14.57 -28.84 -3.50
C GLY C 172 13.30 -28.49 -4.26
N LEU C 173 13.37 -27.48 -5.12
CA LEU C 173 12.23 -27.02 -5.89
C LEU C 173 11.99 -27.93 -7.09
N LEU C 174 13.04 -28.17 -7.86
CA LEU C 174 13.00 -29.07 -9.01
C LEU C 174 12.52 -30.46 -8.61
N ASP C 175 12.88 -30.88 -7.39
CA ASP C 175 12.49 -32.20 -6.88
C ASP C 175 11.01 -32.28 -6.48
N ALA C 176 10.50 -31.25 -5.81
CA ALA C 176 9.11 -31.22 -5.36
C ALA C 176 8.19 -30.99 -6.55
N GLY C 177 8.69 -30.30 -7.56
CA GLY C 177 7.93 -30.01 -8.76
C GLY C 177 8.11 -31.07 -9.83
N LYS C 178 8.81 -32.17 -9.50
CA LYS C 178 9.03 -33.31 -10.39
C LYS C 178 7.84 -33.66 -11.29
N ALA C 179 6.71 -34.03 -10.69
CA ALA C 179 5.52 -34.42 -11.43
C ALA C 179 5.17 -33.41 -12.53
N HIS C 180 5.04 -32.14 -12.15
CA HIS C 180 4.68 -31.09 -13.09
C HIS C 180 5.74 -30.89 -14.20
N LEU C 181 7.00 -30.72 -13.82
CA LEU C 181 8.08 -30.40 -14.78
C LEU C 181 8.51 -31.55 -15.70
N GLN C 182 8.30 -32.79 -15.29
CA GLN C 182 8.65 -33.96 -16.11
C GLN C 182 7.45 -34.51 -16.90
N ARG C 183 6.31 -33.82 -16.84
CA ARG C 183 5.14 -34.28 -17.59
C ARG C 183 5.34 -34.14 -19.10
N GLN C 184 4.55 -34.88 -19.86
CA GLN C 184 4.63 -34.89 -21.30
C GLN C 184 3.24 -34.61 -21.87
N VAL C 185 3.11 -33.54 -22.65
CA VAL C 185 1.85 -33.19 -23.28
C VAL C 185 2.03 -33.21 -24.80
N LYS C 186 1.26 -34.07 -25.46
CA LYS C 186 1.31 -34.24 -26.90
C LYS C 186 0.75 -33.04 -27.66
N PRO C 187 1.45 -32.63 -28.71
CA PRO C 187 0.96 -31.56 -29.57
C PRO C 187 -0.10 -32.08 -30.54
N GLU C 188 -0.94 -31.17 -31.02
CA GLU C 188 -1.76 -31.38 -32.22
C GLU C 188 -1.07 -30.50 -33.29
N ALA C 189 -1.41 -30.71 -34.56
CA ALA C 189 -0.88 -29.91 -35.66
C ALA C 189 -1.89 -29.71 -36.77
N TRP C 190 -1.67 -28.69 -37.57
CA TRP C 190 -2.49 -28.42 -38.75
C TRP C 190 -1.73 -27.57 -39.74
N LEU C 191 -2.24 -27.54 -40.97
CA LEU C 191 -1.63 -26.87 -42.09
C LEU C 191 -2.51 -25.76 -42.59
N SER C 192 -1.91 -24.63 -42.95
CA SER C 192 -2.62 -23.51 -43.54
C SER C 192 -1.73 -22.80 -44.57
N HIS C 193 -2.30 -21.84 -45.29
CA HIS C 193 -1.53 -21.00 -46.18
C HIS C 193 -0.86 -19.91 -45.33
N GLY C 194 0.20 -19.33 -45.88
CA GLY C 194 0.89 -18.20 -45.30
C GLY C 194 0.86 -17.11 -46.35
N PRO C 195 1.50 -15.98 -46.07
CA PRO C 195 1.57 -14.89 -47.04
C PRO C 195 2.35 -15.34 -48.30
N SER C 196 1.81 -15.03 -49.48
CA SER C 196 2.46 -15.38 -50.72
C SER C 196 3.70 -14.49 -50.93
N PRO C 197 4.85 -15.08 -51.27
CA PRO C 197 6.07 -14.31 -51.55
C PRO C 197 6.00 -13.48 -52.84
N GLY C 198 5.26 -13.95 -53.83
CA GLY C 198 5.15 -13.28 -55.12
C GLY C 198 4.43 -14.15 -56.15
N PRO C 199 4.10 -13.62 -57.31
CA PRO C 199 3.33 -14.38 -58.31
C PRO C 199 3.92 -15.76 -58.62
N GLY C 200 3.07 -16.78 -58.65
CA GLY C 200 3.49 -18.15 -58.93
C GLY C 200 4.02 -18.94 -57.73
N HIS C 201 4.16 -18.30 -56.58
CA HIS C 201 4.70 -18.95 -55.38
C HIS C 201 3.70 -18.94 -54.21
N LEU C 202 3.96 -19.81 -53.24
CA LEU C 202 3.13 -19.97 -52.06
C LEU C 202 3.97 -20.18 -50.81
N GLN C 203 3.38 -19.90 -49.67
CA GLN C 203 4.00 -20.22 -48.40
C GLN C 203 3.14 -21.25 -47.71
N LEU C 204 3.76 -22.36 -47.35
CA LEU C 204 3.10 -23.42 -46.63
C LEU C 204 3.39 -23.24 -45.16
N VAL C 205 2.38 -23.37 -44.28
CA VAL C 205 2.56 -23.17 -42.85
C VAL C 205 2.13 -24.40 -42.07
N CYS C 206 3.04 -24.95 -41.27
CA CYS C 206 2.75 -26.07 -40.37
C CYS C 206 2.70 -25.54 -38.93
N HIS C 207 1.57 -25.68 -38.26
CA HIS C 207 1.40 -25.23 -36.88
C HIS C 207 1.51 -26.41 -35.92
N VAL C 208 2.29 -26.24 -34.86
CA VAL C 208 2.44 -27.23 -33.80
C VAL C 208 2.03 -26.56 -32.49
N SER C 209 1.04 -27.13 -31.83
CA SER C 209 0.40 -26.48 -30.68
C SER C 209 0.07 -27.42 -29.55
N GLY C 210 0.33 -26.99 -28.32
CA GLY C 210 -0.04 -27.73 -27.14
C GLY C 210 0.96 -28.76 -26.66
N PHE C 211 2.25 -28.57 -26.97
CA PHE C 211 3.29 -29.49 -26.52
C PHE C 211 4.07 -29.02 -25.28
N TYR C 212 4.52 -30.00 -24.50
CA TYR C 212 5.39 -29.80 -23.34
C TYR C 212 6.17 -31.10 -23.05
N PRO C 213 7.47 -31.09 -22.77
CA PRO C 213 8.33 -29.89 -22.69
C PRO C 213 8.66 -29.19 -24.03
N LYS C 214 9.57 -28.22 -23.96
CA LYS C 214 9.87 -27.30 -25.05
C LYS C 214 10.63 -27.84 -26.26
N PRO C 215 11.62 -28.71 -26.07
CA PRO C 215 12.33 -29.34 -27.21
C PRO C 215 11.36 -30.05 -28.18
N VAL C 216 11.33 -29.57 -29.42
CA VAL C 216 10.48 -30.12 -30.47
C VAL C 216 11.27 -30.15 -31.77
N TRP C 217 10.82 -30.95 -32.74
CA TRP C 217 11.47 -31.06 -34.05
C TRP C 217 10.37 -31.00 -35.10
N VAL C 218 10.49 -30.09 -36.05
CA VAL C 218 9.50 -29.96 -37.11
C VAL C 218 10.17 -29.65 -38.46
N MET C 219 9.69 -30.30 -39.51
CA MET C 219 10.30 -30.21 -40.81
C MET C 219 9.33 -30.50 -41.95
N TRP C 220 9.34 -29.66 -42.96
CA TRP C 220 8.67 -29.99 -44.21
C TRP C 220 9.56 -31.03 -44.92
N MET C 221 8.91 -32.02 -45.52
CA MET C 221 9.54 -33.18 -46.14
C MET C 221 8.98 -33.44 -47.52
N ARG C 222 9.80 -34.01 -48.39
CA ARG C 222 9.34 -34.63 -49.64
C ARG C 222 9.72 -36.09 -49.46
N GLY C 223 8.79 -36.88 -48.92
CA GLY C 223 9.04 -38.28 -48.58
C GLY C 223 10.00 -38.31 -47.42
N GLU C 224 11.15 -38.95 -47.61
CA GLU C 224 12.20 -39.00 -46.59
C GLU C 224 13.18 -37.82 -46.72
N GLN C 225 13.01 -37.00 -47.77
CA GLN C 225 13.89 -35.85 -48.01
C GLN C 225 13.49 -34.58 -47.27
N GLU C 226 14.27 -34.20 -46.26
CA GLU C 226 14.06 -32.93 -45.52
C GLU C 226 14.20 -31.71 -46.43
N GLN C 227 13.23 -30.80 -46.36
CA GLN C 227 13.24 -29.57 -47.14
C GLN C 227 13.97 -28.49 -46.35
N GLN C 228 15.16 -28.14 -46.83
CA GLN C 228 16.05 -27.21 -46.13
C GLN C 228 15.54 -25.75 -46.11
N GLY C 229 14.53 -25.43 -46.91
CA GLY C 229 13.91 -24.12 -46.89
C GLY C 229 12.93 -23.97 -45.72
N THR C 230 12.82 -25.01 -44.89
CA THR C 230 12.03 -24.94 -43.70
C THR C 230 12.55 -23.87 -42.72
N GLN C 231 11.72 -22.86 -42.47
CA GLN C 231 12.03 -21.81 -41.50
C GLN C 231 11.11 -21.91 -40.29
N ARG C 232 11.68 -22.26 -39.15
CA ARG C 232 10.87 -22.34 -37.96
C ARG C 232 10.86 -20.97 -37.30
N GLY C 233 9.74 -20.61 -36.69
CA GLY C 233 9.62 -19.32 -36.06
C GLY C 233 10.06 -19.47 -34.62
N ASP C 234 9.75 -18.46 -33.83
CA ASP C 234 9.96 -18.48 -32.38
C ASP C 234 8.95 -19.43 -31.75
N ILE C 235 9.35 -20.10 -30.67
CA ILE C 235 8.45 -20.90 -29.86
C ILE C 235 7.71 -19.91 -28.92
N LEU C 236 6.39 -19.87 -29.04
CA LEU C 236 5.55 -18.93 -28.34
C LEU C 236 4.78 -19.64 -27.24
N PRO C 237 4.47 -18.91 -26.17
CA PRO C 237 3.73 -19.46 -25.05
C PRO C 237 2.24 -19.55 -25.31
N SER C 238 1.61 -20.49 -24.62
CA SER C 238 0.17 -20.64 -24.56
C SER C 238 -0.22 -20.41 -23.12
N ALA C 239 -1.43 -19.92 -22.88
CA ALA C 239 -1.85 -19.62 -21.52
C ALA C 239 -1.85 -20.84 -20.60
N ASP C 240 -2.11 -22.02 -21.16
CA ASP C 240 -2.18 -23.25 -20.35
C ASP C 240 -0.81 -23.88 -20.02
N GLY C 241 0.27 -23.20 -20.42
CA GLY C 241 1.62 -23.62 -20.10
C GLY C 241 2.34 -24.45 -21.15
N THR C 242 1.69 -24.73 -22.28
CA THR C 242 2.32 -25.45 -23.39
C THR C 242 2.84 -24.44 -24.41
N TRP C 243 3.40 -24.95 -25.49
CA TRP C 243 4.13 -24.13 -26.48
C TRP C 243 3.51 -24.23 -27.88
N TYR C 244 3.86 -23.25 -28.72
CA TYR C 244 3.33 -23.12 -30.07
C TYR C 244 4.48 -22.72 -30.98
N LEU C 245 4.49 -23.29 -32.17
CA LEU C 245 5.54 -23.06 -33.16
C LEU C 245 4.93 -23.13 -34.58
N ARG C 246 5.39 -22.25 -35.45
CA ARG C 246 5.11 -22.32 -36.88
C ARG C 246 6.40 -22.72 -37.62
N ALA C 247 6.25 -23.54 -38.66
CA ALA C 247 7.34 -23.88 -39.57
C ALA C 247 6.82 -23.61 -40.99
N THR C 248 7.49 -22.74 -41.74
CA THR C 248 6.99 -22.30 -43.05
C THR C 248 7.89 -22.79 -44.17
N LEU C 249 7.35 -22.90 -45.36
CA LEU C 249 8.12 -23.29 -46.54
C LEU C 249 7.59 -22.51 -47.72
N GLU C 250 8.48 -21.99 -48.53
CA GLU C 250 8.05 -21.32 -49.74
C GLU C 250 8.36 -22.26 -50.89
N VAL C 251 7.44 -22.31 -51.84
CA VAL C 251 7.51 -23.20 -53.00
C VAL C 251 6.79 -22.60 -54.18
N ALA C 252 7.30 -22.86 -55.38
CA ALA C 252 6.56 -22.52 -56.59
C ALA C 252 5.28 -23.35 -56.56
N ALA C 253 4.24 -22.87 -57.22
CA ALA C 253 2.92 -23.51 -57.25
C ALA C 253 2.95 -24.98 -57.69
N GLY C 254 3.72 -25.28 -58.73
CA GLY C 254 3.79 -26.61 -59.29
C GLY C 254 4.65 -27.64 -58.57
N GLU C 255 5.28 -27.26 -57.46
CA GLU C 255 6.11 -28.18 -56.66
C GLU C 255 5.46 -28.49 -55.31
N ALA C 256 4.26 -27.95 -55.08
CA ALA C 256 3.56 -28.09 -53.82
C ALA C 256 3.05 -29.50 -53.47
N ALA C 257 2.77 -30.33 -54.49
CA ALA C 257 2.32 -31.71 -54.26
C ALA C 257 3.47 -32.62 -53.78
N ASP C 258 3.13 -33.64 -52.99
CA ASP C 258 4.07 -34.60 -52.41
C ASP C 258 4.68 -34.08 -51.09
N LEU C 259 4.23 -32.91 -50.64
CA LEU C 259 4.80 -32.28 -49.44
C LEU C 259 4.06 -32.68 -48.17
N SER C 260 4.82 -32.89 -47.10
CA SER C 260 4.26 -33.22 -45.80
C SER C 260 5.04 -32.50 -44.70
N CYS C 261 4.43 -32.39 -43.53
CA CYS C 261 5.07 -31.84 -42.36
C CYS C 261 5.19 -32.96 -41.34
N ARG C 262 6.37 -33.12 -40.77
CA ARG C 262 6.65 -34.16 -39.78
C ARG C 262 7.04 -33.53 -38.45
N VAL C 263 6.38 -33.97 -37.38
CA VAL C 263 6.65 -33.50 -36.05
C VAL C 263 7.10 -34.66 -35.17
N LYS C 264 8.26 -34.49 -34.55
CA LYS C 264 8.79 -35.43 -33.56
C LYS C 264 8.85 -34.70 -32.23
N HIS C 265 8.43 -35.40 -31.17
CA HIS C 265 8.37 -34.85 -29.83
C HIS C 265 8.40 -35.98 -28.77
N SER C 266 9.12 -35.73 -27.69
CA SER C 266 9.27 -36.67 -26.57
C SER C 266 7.96 -37.30 -26.07
N SER C 267 6.84 -36.61 -26.23
CA SER C 267 5.53 -37.09 -25.75
C SER C 267 4.89 -38.14 -26.67
N LEU C 268 5.30 -38.17 -27.93
CA LEU C 268 4.69 -39.01 -28.95
C LEU C 268 5.04 -40.48 -28.87
N GLU C 269 6.06 -40.83 -28.09
CA GLU C 269 6.47 -42.23 -27.90
C GLU C 269 6.80 -42.92 -29.23
N GLY C 270 7.54 -42.20 -30.08
CA GLY C 270 8.01 -42.73 -31.36
C GLY C 270 7.04 -42.72 -32.54
N GLN C 271 5.85 -42.14 -32.35
CA GLN C 271 4.84 -42.06 -33.41
C GLN C 271 4.73 -40.61 -33.85
N ASP C 272 5.47 -40.26 -34.89
CA ASP C 272 5.50 -38.90 -35.39
C ASP C 272 4.15 -38.45 -35.95
N ILE C 273 3.86 -37.16 -35.81
CA ILE C 273 2.69 -36.59 -36.44
C ILE C 273 3.04 -36.26 -37.88
N VAL C 274 2.31 -36.83 -38.82
CA VAL C 274 2.57 -36.55 -40.23
C VAL C 274 1.33 -36.04 -40.97
N LEU C 275 1.42 -34.80 -41.45
CA LEU C 275 0.34 -34.14 -42.16
C LEU C 275 0.72 -33.89 -43.62
N TYR C 276 -0.22 -34.11 -44.54
CA TYR C 276 0.08 -33.94 -45.97
C TYR C 276 -0.69 -32.80 -46.62
N TRP C 277 0.06 -31.99 -47.36
CA TRP C 277 -0.49 -30.82 -48.03
C TRP C 277 -1.46 -31.27 -49.12
N HIS C 278 -2.58 -30.56 -49.16
CA HIS C 278 -3.81 -30.87 -49.93
C HIS C 278 -3.78 -30.34 -51.35
N HIS C 279 -4.30 -31.14 -52.28
CA HIS C 279 -4.35 -30.84 -53.74
C HIS C 279 -2.96 -30.78 -54.39
N ILE D 1 18.08 2.67 -23.15
CA ILE D 1 17.65 2.40 -24.55
C ILE D 1 16.15 2.16 -24.64
N GLN D 2 15.62 2.20 -25.86
CA GLN D 2 14.21 1.94 -26.10
C GLN D 2 14.09 0.90 -27.19
N ARG D 3 13.24 -0.09 -26.97
CA ARG D 3 13.01 -1.15 -27.93
C ARG D 3 11.56 -1.19 -28.34
N THR D 4 11.33 -1.31 -29.64
CA THR D 4 9.97 -1.41 -30.16
C THR D 4 9.43 -2.85 -30.03
N PRO D 5 8.16 -3.01 -29.69
CA PRO D 5 7.58 -4.35 -29.49
C PRO D 5 7.35 -5.17 -30.78
N LYS D 6 7.52 -6.48 -30.63
CA LYS D 6 7.24 -7.47 -31.65
C LYS D 6 5.85 -7.99 -31.30
N ILE D 7 4.97 -8.13 -32.30
CA ILE D 7 3.58 -8.51 -32.03
C ILE D 7 3.13 -9.72 -32.84
N GLN D 8 2.77 -10.79 -32.14
CA GLN D 8 2.40 -12.03 -32.79
C GLN D 8 1.02 -12.53 -32.32
N VAL D 9 0.11 -12.71 -33.27
CA VAL D 9 -1.23 -13.18 -33.00
C VAL D 9 -1.43 -14.60 -33.52
N TYR D 10 -1.99 -15.47 -32.68
CA TYR D 10 -2.20 -16.87 -33.03
C TYR D 10 -3.33 -17.49 -32.22
N SER D 11 -4.00 -18.48 -32.81
CA SER D 11 -5.01 -19.27 -32.10
C SER D 11 -4.37 -20.51 -31.47
N ARG D 12 -4.99 -21.04 -30.42
CA ARG D 12 -4.51 -22.23 -29.72
C ARG D 12 -4.80 -23.49 -30.52
N HIS D 13 -5.94 -23.48 -31.20
CA HIS D 13 -6.41 -24.60 -32.00
C HIS D 13 -6.71 -24.10 -33.39
N PRO D 14 -6.77 -25.02 -34.36
CA PRO D 14 -7.19 -24.66 -35.72
C PRO D 14 -8.54 -23.95 -35.69
N ALA D 15 -8.69 -22.92 -36.52
CA ALA D 15 -9.95 -22.23 -36.65
C ALA D 15 -11.01 -23.21 -37.19
N GLU D 16 -12.20 -23.03 -36.65
CA GLU D 16 -13.34 -23.87 -36.96
C GLU D 16 -14.52 -23.01 -36.57
N ASN D 17 -15.26 -22.54 -37.59
CA ASN D 17 -16.38 -21.64 -37.36
C ASN D 17 -17.41 -22.29 -36.42
N GLY D 18 -17.88 -21.52 -35.42
CA GLY D 18 -18.84 -21.99 -34.42
C GLY D 18 -18.30 -22.85 -33.29
N LYS D 19 -16.97 -22.98 -33.17
CA LYS D 19 -16.33 -23.75 -32.09
C LYS D 19 -15.41 -22.87 -31.22
N SER D 20 -15.40 -23.14 -29.92
CA SER D 20 -14.64 -22.36 -28.93
C SER D 20 -13.14 -22.58 -29.07
N ASN D 21 -12.39 -21.50 -28.88
CA ASN D 21 -10.95 -21.48 -29.12
C ASN D 21 -10.32 -20.40 -28.21
N PHE D 22 -9.03 -20.17 -28.36
CA PHE D 22 -8.33 -19.11 -27.63
C PHE D 22 -7.52 -18.30 -28.60
N LEU D 23 -7.67 -16.98 -28.56
CA LEU D 23 -6.84 -16.05 -29.31
C LEU D 23 -5.72 -15.60 -28.38
N ASN D 24 -4.51 -15.48 -28.94
CA ASN D 24 -3.34 -15.07 -28.18
C ASN D 24 -2.65 -13.91 -28.88
N CYS D 25 -2.00 -13.07 -28.09
CA CYS D 25 -1.21 -11.97 -28.59
C CYS D 25 0.01 -11.88 -27.69
N TYR D 26 1.16 -12.26 -28.25
CA TYR D 26 2.45 -12.26 -27.60
C TYR D 26 3.19 -10.99 -28.01
N VAL D 27 3.46 -10.14 -27.03
CA VAL D 27 4.10 -8.86 -27.24
C VAL D 27 5.44 -8.95 -26.51
N SER D 28 6.53 -8.77 -27.25
CA SER D 28 7.86 -9.03 -26.70
C SER D 28 8.93 -8.08 -27.21
N GLY D 29 10.07 -8.10 -26.53
CA GLY D 29 11.22 -7.32 -26.93
C GLY D 29 11.04 -5.82 -26.77
N PHE D 30 10.12 -5.38 -25.91
CA PHE D 30 9.91 -3.94 -25.76
C PHE D 30 10.55 -3.31 -24.51
N HIS D 31 10.81 -2.00 -24.60
CA HIS D 31 11.33 -1.23 -23.47
C HIS D 31 11.01 0.23 -23.72
N PRO D 32 10.45 0.98 -22.76
CA PRO D 32 10.13 0.54 -21.39
C PRO D 32 8.85 -0.30 -21.24
N SER D 33 8.49 -0.66 -20.00
CA SER D 33 7.40 -1.61 -19.73
C SER D 33 6.01 -1.04 -19.96
N ASP D 34 5.83 0.27 -19.75
CA ASP D 34 4.52 0.91 -19.96
C ASP D 34 4.01 0.62 -21.38
N ILE D 35 2.86 -0.01 -21.49
CA ILE D 35 2.33 -0.48 -22.77
C ILE D 35 0.82 -0.74 -22.71
N GLU D 36 0.10 -0.33 -23.75
CA GLU D 36 -1.34 -0.57 -23.83
C GLU D 36 -1.65 -1.65 -24.88
N VAL D 37 -2.20 -2.78 -24.43
CA VAL D 37 -2.58 -3.86 -25.32
C VAL D 37 -4.07 -4.24 -25.24
N ASP D 38 -4.72 -4.23 -26.40
CA ASP D 38 -6.13 -4.62 -26.54
C ASP D 38 -6.30 -5.72 -27.60
N LEU D 39 -7.25 -6.62 -27.39
CA LEU D 39 -7.70 -7.54 -28.43
C LEU D 39 -9.01 -6.99 -28.99
N LEU D 40 -9.10 -6.86 -30.31
CA LEU D 40 -10.30 -6.29 -30.95
C LEU D 40 -11.15 -7.34 -31.66
N LYS D 41 -12.46 -7.06 -31.69
CA LYS D 41 -13.45 -7.87 -32.38
C LYS D 41 -14.26 -6.88 -33.22
N ASN D 42 -14.00 -6.88 -34.53
CA ASN D 42 -14.59 -5.92 -35.45
C ASN D 42 -14.26 -4.49 -35.01
N GLY D 43 -13.01 -4.28 -34.64
CA GLY D 43 -12.52 -2.97 -34.23
C GLY D 43 -12.98 -2.45 -32.88
N GLU D 44 -13.61 -3.31 -32.08
CA GLU D 44 -14.07 -2.97 -30.73
C GLU D 44 -13.30 -3.83 -29.73
N ARG D 45 -12.68 -3.22 -28.73
CA ARG D 45 -11.91 -4.01 -27.77
C ARG D 45 -12.76 -5.08 -27.06
N ILE D 46 -12.15 -6.23 -26.79
CA ILE D 46 -12.81 -7.29 -26.06
C ILE D 46 -12.56 -6.98 -24.59
N GLU D 47 -13.61 -7.06 -23.78
CA GLU D 47 -13.56 -6.56 -22.41
C GLU D 47 -12.84 -7.44 -21.38
N LYS D 48 -13.04 -8.75 -21.45
CA LYS D 48 -12.45 -9.63 -20.44
C LYS D 48 -11.28 -10.36 -21.08
N VAL D 49 -10.13 -9.72 -21.00
CA VAL D 49 -8.91 -10.22 -21.63
C VAL D 49 -7.87 -10.40 -20.54
N GLU D 50 -7.28 -11.59 -20.49
CA GLU D 50 -6.30 -11.95 -19.48
C GLU D 50 -4.90 -11.69 -20.00
N HIS D 51 -3.96 -11.62 -19.07
CA HIS D 51 -2.56 -11.50 -19.43
C HIS D 51 -1.64 -12.03 -18.34
N SER D 52 -0.41 -12.35 -18.74
CA SER D 52 0.58 -12.91 -17.84
C SER D 52 1.14 -11.79 -17.00
N ASP D 53 1.75 -12.17 -15.88
CA ASP D 53 2.53 -11.24 -15.09
C ASP D 53 3.70 -10.78 -15.98
N LEU D 54 4.00 -9.50 -15.88
CA LEU D 54 5.09 -8.89 -16.63
C LEU D 54 6.43 -9.56 -16.31
N SER D 55 7.18 -9.89 -17.35
CA SER D 55 8.52 -10.45 -17.20
C SER D 55 9.48 -9.87 -18.24
N PHE D 56 10.74 -10.25 -18.14
CA PHE D 56 11.73 -9.81 -19.09
C PHE D 56 12.77 -10.89 -19.42
N SER D 57 13.39 -10.74 -20.58
CA SER D 57 14.37 -11.69 -21.10
C SER D 57 15.77 -11.40 -20.56
N LYS D 58 16.73 -12.19 -21.06
CA LYS D 58 18.15 -12.00 -20.75
C LYS D 58 18.66 -10.62 -21.13
N ASP D 59 18.24 -10.09 -22.30
CA ASP D 59 18.64 -8.74 -22.76
C ASP D 59 17.83 -7.56 -22.14
N TRP D 60 17.11 -7.86 -21.06
CA TRP D 60 16.29 -6.91 -20.29
C TRP D 60 14.99 -6.46 -20.95
N SER D 61 14.74 -6.88 -22.19
CA SER D 61 13.50 -6.54 -22.90
C SER D 61 12.30 -7.30 -22.29
N PHE D 62 11.17 -6.62 -22.20
CA PHE D 62 9.97 -7.12 -21.55
C PHE D 62 9.13 -7.95 -22.51
N TYR D 63 8.25 -8.78 -21.95
CA TYR D 63 7.31 -9.56 -22.74
C TYR D 63 6.06 -9.94 -21.94
N LEU D 64 4.95 -10.07 -22.66
CA LEU D 64 3.65 -10.35 -22.09
C LEU D 64 2.78 -11.21 -23.05
N LEU D 65 2.00 -12.11 -22.46
CA LEU D 65 1.02 -12.90 -23.21
C LEU D 65 -0.36 -12.38 -22.84
N TYR D 66 -1.15 -12.04 -23.86
CA TYR D 66 -2.50 -11.55 -23.72
C TYR D 66 -3.42 -12.56 -24.43
N TYR D 67 -4.47 -13.03 -23.76
CA TYR D 67 -5.39 -14.00 -24.35
C TYR D 67 -6.85 -13.82 -23.94
N THR D 68 -7.71 -14.57 -24.61
CA THR D 68 -9.14 -14.63 -24.32
C THR D 68 -9.81 -15.71 -25.17
N GLU D 69 -10.93 -16.23 -24.66
CA GLU D 69 -11.77 -17.16 -25.39
C GLU D 69 -12.45 -16.39 -26.53
N PHE D 70 -12.58 -17.06 -27.66
CA PHE D 70 -13.26 -16.48 -28.81
C PHE D 70 -13.78 -17.61 -29.67
N THR D 71 -14.81 -17.30 -30.45
CA THR D 71 -15.43 -18.26 -31.35
C THR D 71 -15.33 -17.66 -32.75
N PRO D 72 -14.45 -18.17 -33.60
CA PRO D 72 -14.32 -17.64 -34.97
C PRO D 72 -15.62 -17.76 -35.79
N THR D 73 -15.78 -16.86 -36.76
CA THR D 73 -16.92 -16.84 -37.69
C THR D 73 -16.40 -16.30 -39.04
N GLU D 74 -17.10 -16.58 -40.13
CA GLU D 74 -16.69 -16.10 -41.46
C GLU D 74 -16.50 -14.58 -41.47
N LYS D 75 -17.45 -13.86 -40.89
CA LYS D 75 -17.46 -12.38 -40.93
C LYS D 75 -16.63 -11.71 -39.84
N ASP D 76 -16.54 -12.33 -38.66
CA ASP D 76 -15.90 -11.70 -37.51
C ASP D 76 -14.38 -11.56 -37.65
N GLU D 77 -13.91 -10.31 -37.54
CA GLU D 77 -12.51 -9.93 -37.69
C GLU D 77 -11.86 -9.67 -36.32
N TYR D 78 -10.77 -10.38 -36.02
CA TYR D 78 -10.08 -10.23 -34.75
C TYR D 78 -8.67 -9.69 -34.97
N ALA D 79 -8.16 -8.95 -33.97
CA ALA D 79 -6.82 -8.37 -34.06
C ALA D 79 -6.22 -8.11 -32.67
N CYS D 80 -5.04 -7.49 -32.67
CA CYS D 80 -4.36 -7.11 -31.45
C CYS D 80 -3.76 -5.75 -31.67
N ARG D 81 -4.20 -4.78 -30.86
CA ARG D 81 -3.72 -3.41 -30.90
C ARG D 81 -2.69 -3.15 -29.78
N VAL D 82 -1.58 -2.52 -30.15
CA VAL D 82 -0.49 -2.18 -29.22
C VAL D 82 -0.11 -0.70 -29.36
N ASN D 83 -0.13 0.03 -28.25
CA ASN D 83 0.43 1.38 -28.22
C ASN D 83 1.64 1.36 -27.29
N HIS D 84 2.69 2.04 -27.71
CA HIS D 84 3.95 2.10 -26.97
C HIS D 84 4.59 3.42 -27.35
N VAL D 85 5.45 3.94 -26.48
CA VAL D 85 6.11 5.22 -26.71
C VAL D 85 6.92 5.26 -28.03
N THR D 86 7.50 4.11 -28.42
CA THR D 86 8.26 3.96 -29.66
C THR D 86 7.43 4.03 -30.96
N LEU D 87 6.10 3.91 -30.85
CA LEU D 87 5.19 3.98 -32.02
C LEU D 87 4.55 5.36 -32.19
N SER D 88 4.56 5.86 -33.43
CA SER D 88 3.94 7.15 -33.77
C SER D 88 2.44 7.06 -33.56
N GLN D 89 1.86 5.96 -34.02
CA GLN D 89 0.44 5.65 -33.81
C GLN D 89 0.30 4.16 -33.40
N PRO D 90 -0.86 3.78 -32.86
CA PRO D 90 -1.11 2.37 -32.54
C PRO D 90 -0.92 1.41 -33.73
N LYS D 91 -0.36 0.24 -33.43
CA LYS D 91 -0.08 -0.79 -34.41
C LYS D 91 -1.12 -1.89 -34.24
N ILE D 92 -1.77 -2.28 -35.34
CA ILE D 92 -2.77 -3.35 -35.34
C ILE D 92 -2.30 -4.55 -36.16
N VAL D 93 -2.18 -5.71 -35.51
CA VAL D 93 -1.81 -6.95 -36.17
C VAL D 93 -3.02 -7.86 -36.16
N LYS D 94 -3.48 -8.24 -37.33
CA LYS D 94 -4.71 -9.00 -37.47
C LYS D 94 -4.48 -10.49 -37.32
N TRP D 95 -5.47 -11.17 -36.73
CA TRP D 95 -5.50 -12.61 -36.73
C TRP D 95 -6.04 -13.02 -38.10
N ASP D 96 -5.30 -13.89 -38.75
CA ASP D 96 -5.74 -14.42 -40.02
C ASP D 96 -5.39 -15.88 -39.97
N ARG D 97 -6.43 -16.73 -40.03
CA ARG D 97 -6.23 -18.18 -40.00
C ARG D 97 -5.45 -18.69 -41.23
N ASP D 98 -5.53 -17.97 -42.34
CA ASP D 98 -4.83 -18.36 -43.58
C ASP D 98 -3.62 -17.48 -43.87
N MET D 99 -2.98 -16.99 -42.80
CA MET D 99 -1.73 -16.22 -42.86
C MET D 99 -0.94 -16.50 -41.58
#